data_4X1V
# 
_entry.id   4X1V 
# 
_audit_conform.dict_name       mmcif_pdbx.dic 
_audit_conform.dict_version    5.391 
_audit_conform.dict_location   http://mmcif.pdb.org/dictionaries/ascii/mmcif_pdbx.dic 
# 
loop_
_database_2.database_id 
_database_2.database_code 
_database_2.pdbx_database_accession 
_database_2.pdbx_DOI 
PDB   4X1V         pdb_00004x1v 10.2210/pdb4x1v/pdb 
WWPDB D_1000204919 ?            ?                   
# 
loop_
_pdbx_audit_revision_history.ordinal 
_pdbx_audit_revision_history.data_content_type 
_pdbx_audit_revision_history.major_revision 
_pdbx_audit_revision_history.minor_revision 
_pdbx_audit_revision_history.revision_date 
1 'Structure model' 1 0 2016-02-17 
2 'Structure model' 1 1 2016-02-24 
3 'Structure model' 1 2 2024-05-08 
# 
_pdbx_audit_revision_details.ordinal             1 
_pdbx_audit_revision_details.revision_ordinal    1 
_pdbx_audit_revision_details.data_content_type   'Structure model' 
_pdbx_audit_revision_details.provider            repository 
_pdbx_audit_revision_details.type                'Initial release' 
_pdbx_audit_revision_details.description         ? 
_pdbx_audit_revision_details.details             ? 
# 
loop_
_pdbx_audit_revision_group.ordinal 
_pdbx_audit_revision_group.revision_ordinal 
_pdbx_audit_revision_group.data_content_type 
_pdbx_audit_revision_group.group 
1 2 'Structure model' Other                 
2 3 'Structure model' 'Data collection'     
3 3 'Structure model' 'Database references' 
# 
loop_
_pdbx_audit_revision_category.ordinal 
_pdbx_audit_revision_category.revision_ordinal 
_pdbx_audit_revision_category.data_content_type 
_pdbx_audit_revision_category.category 
1 3 'Structure model' chem_comp_atom 
2 3 'Structure model' chem_comp_bond 
3 3 'Structure model' database_2     
# 
loop_
_pdbx_audit_revision_item.ordinal 
_pdbx_audit_revision_item.revision_ordinal 
_pdbx_audit_revision_item.data_content_type 
_pdbx_audit_revision_item.item 
1 3 'Structure model' '_database_2.pdbx_DOI'                
2 3 'Structure model' '_database_2.pdbx_database_accession' 
# 
_pdbx_database_status.status_code                     REL 
_pdbx_database_status.status_code_sf                  REL 
_pdbx_database_status.status_code_mr                  ? 
_pdbx_database_status.entry_id                        4X1V 
_pdbx_database_status.recvd_initial_deposition_date   2014-11-25 
_pdbx_database_status.SG_entry                        Y 
_pdbx_database_status.deposit_site                    RCSB 
_pdbx_database_status.process_site                    PDBE 
_pdbx_database_status.status_code_cs                  ? 
_pdbx_database_status.methods_development_category    ? 
_pdbx_database_status.pdb_format_compatible           Y 
_pdbx_database_status.status_code_nmr_data            ? 
# 
loop_
_pdbx_database_related.content_type 
_pdbx_database_related.db_id 
_pdbx_database_related.db_name 
_pdbx_database_related.details 
unspecified 3U23 PDB . 
unspecified 4WCI PDB . 
# 
loop_
_audit_author.name 
_audit_author.pdbx_ordinal 
'Rouka, E.'        1  
'Krojer, T.'       2  
'von Delft, F.'    3  
'Knapp, S.'        4  
'Kirsch, K.H.'     5  
'Arrowsmith, C.H.' 6  
'Edwards, A.M.'    7  
'Bountra, C.'      8  
'Feller, S.M.'     9  
'Simister, P.C.'   10 
# 
_citation.abstract                  ? 
_citation.abstract_id_CAS           ? 
_citation.book_id_ISBN              ? 
_citation.book_publisher            ? 
_citation.book_publisher_city       ? 
_citation.book_title                ? 
_citation.coordinate_linkage        ? 
_citation.country                   ? 
_citation.database_id_Medline       ? 
_citation.details                   ? 
_citation.id                        primary 
_citation.journal_abbrev            'to be published' 
_citation.journal_id_ASTM           ? 
_citation.journal_id_CSD            0353 
_citation.journal_id_ISSN           ? 
_citation.journal_full              ? 
_citation.journal_issue             ? 
_citation.journal_volume            ? 
_citation.language                  ? 
_citation.page_first                ? 
_citation.page_last                 ? 
_citation.title                     
'Crystal structure of the 2nd SH3 domain from human CD2AP (CMS) in complex with a proline-rich peptide (aa 76-91) from human ARAP1' 
_citation.year                      ? 
_citation.database_id_CSD           ? 
_citation.pdbx_database_id_DOI      ? 
_citation.pdbx_database_id_PubMed   ? 
_citation.unpublished_flag          ? 
# 
loop_
_citation_author.citation_id 
_citation_author.name 
_citation_author.ordinal 
_citation_author.identifier_ORCID 
primary 'Rouka, E.'      1 ? 
primary 'Feller, S.M.'   2 ? 
primary 'Simister, P.C.' 3 ? 
# 
loop_
_entity.id 
_entity.type 
_entity.src_method 
_entity.pdbx_description 
_entity.formula_weight 
_entity.pdbx_number_of_molecules 
_entity.pdbx_ec 
_entity.pdbx_mutation 
_entity.pdbx_fragment 
_entity.details 
1 polymer man 'CD2-associated protein'                                                     7444.361 1  ? ? 'UNP residues 109-168' 
? 
2 polymer syn 'Arf-GAP with Rho-GAP domain, ANK repeat and PH domain-containing protein 1' 1981.416 1  ? ? 'UNP residues 76-91'   
? 
3 water   nat water                                                                        18.015   68 ? ? ?                      
? 
# 
loop_
_entity_name_com.entity_id 
_entity_name_com.name 
1 'Adapter protein CMS,Cas ligand with multiple SH3 domains' 
2 Centaurin-delta-2,Cnt-d2                                   
# 
loop_
_entity_poly.entity_id 
_entity_poly.type 
_entity_poly.nstd_linkage 
_entity_poly.nstd_monomer 
_entity_poly.pdbx_seq_one_letter_code 
_entity_poly.pdbx_seq_one_letter_code_can 
_entity_poly.pdbx_strand_id 
_entity_poly.pdbx_target_identifier 
1 'polypeptide(L)' no no GPLGSKKRQCKVLFEYIPQNEDELELKVGDIIDINEEVEEGWWSGTLNNKLGLFPSNFVKELEVT 
GPLGSKKRQCKVLFEYIPQNEDELELKVGDIIDINEEVEEGWWSGTLNNKLGLFPSNFVKELEVT A ? 
2 'polypeptide(L)' no no RPTPRPVPMKRHIFRS                                                  RPTPRPVPMKRHIFRS B ? 
# 
_pdbx_entity_nonpoly.entity_id   3 
_pdbx_entity_nonpoly.name        water 
_pdbx_entity_nonpoly.comp_id     HOH 
# 
loop_
_entity_poly_seq.entity_id 
_entity_poly_seq.num 
_entity_poly_seq.mon_id 
_entity_poly_seq.hetero 
1 1  GLY n 
1 2  PRO n 
1 3  LEU n 
1 4  GLY n 
1 5  SER n 
1 6  LYS n 
1 7  LYS n 
1 8  ARG n 
1 9  GLN n 
1 10 CYS n 
1 11 LYS n 
1 12 VAL n 
1 13 LEU n 
1 14 PHE n 
1 15 GLU n 
1 16 TYR n 
1 17 ILE n 
1 18 PRO n 
1 19 GLN n 
1 20 ASN n 
1 21 GLU n 
1 22 ASP n 
1 23 GLU n 
1 24 LEU n 
1 25 GLU n 
1 26 LEU n 
1 27 LYS n 
1 28 VAL n 
1 29 GLY n 
1 30 ASP n 
1 31 ILE n 
1 32 ILE n 
1 33 ASP n 
1 34 ILE n 
1 35 ASN n 
1 36 GLU n 
1 37 GLU n 
1 38 VAL n 
1 39 GLU n 
1 40 GLU n 
1 41 GLY n 
1 42 TRP n 
1 43 TRP n 
1 44 SER n 
1 45 GLY n 
1 46 THR n 
1 47 LEU n 
1 48 ASN n 
1 49 ASN n 
1 50 LYS n 
1 51 LEU n 
1 52 GLY n 
1 53 LEU n 
1 54 PHE n 
1 55 PRO n 
1 56 SER n 
1 57 ASN n 
1 58 PHE n 
1 59 VAL n 
1 60 LYS n 
1 61 GLU n 
1 62 LEU n 
1 63 GLU n 
1 64 VAL n 
1 65 THR n 
2 1  ARG n 
2 2  PRO n 
2 3  THR n 
2 4  PRO n 
2 5  ARG n 
2 6  PRO n 
2 7  VAL n 
2 8  PRO n 
2 9  MET n 
2 10 LYS n 
2 11 ARG n 
2 12 HIS n 
2 13 ILE n 
2 14 PHE n 
2 15 ARG n 
2 16 SER n 
# 
_entity_src_gen.entity_id                          1 
_entity_src_gen.pdbx_src_id                        1 
_entity_src_gen.pdbx_alt_source_flag               sample 
_entity_src_gen.pdbx_seq_type                      'Biological sequence' 
_entity_src_gen.pdbx_beg_seq_num                   1 
_entity_src_gen.pdbx_end_seq_num                   65 
_entity_src_gen.gene_src_common_name               Human 
_entity_src_gen.gene_src_genus                     ? 
_entity_src_gen.pdbx_gene_src_gene                 CD2AP 
_entity_src_gen.gene_src_species                   ? 
_entity_src_gen.gene_src_strain                    ? 
_entity_src_gen.gene_src_tissue                    ? 
_entity_src_gen.gene_src_tissue_fraction           ? 
_entity_src_gen.gene_src_details                   ? 
_entity_src_gen.pdbx_gene_src_fragment             ? 
_entity_src_gen.pdbx_gene_src_scientific_name      'Homo sapiens' 
_entity_src_gen.pdbx_gene_src_ncbi_taxonomy_id     9606 
_entity_src_gen.pdbx_gene_src_variant              ? 
_entity_src_gen.pdbx_gene_src_cell_line            ? 
_entity_src_gen.pdbx_gene_src_atcc                 ? 
_entity_src_gen.pdbx_gene_src_organ                ? 
_entity_src_gen.pdbx_gene_src_organelle            ? 
_entity_src_gen.pdbx_gene_src_cell                 ? 
_entity_src_gen.pdbx_gene_src_cellular_location    ? 
_entity_src_gen.host_org_common_name               ? 
_entity_src_gen.pdbx_host_org_scientific_name      'Escherichia coli BL21(DE3)' 
_entity_src_gen.pdbx_host_org_ncbi_taxonomy_id     469008 
_entity_src_gen.host_org_genus                     ? 
_entity_src_gen.pdbx_host_org_gene                 ? 
_entity_src_gen.pdbx_host_org_organ                ? 
_entity_src_gen.host_org_species                   ? 
_entity_src_gen.pdbx_host_org_tissue               ? 
_entity_src_gen.pdbx_host_org_tissue_fraction      ? 
_entity_src_gen.pdbx_host_org_strain               ? 
_entity_src_gen.pdbx_host_org_variant              ? 
_entity_src_gen.pdbx_host_org_cell_line            ? 
_entity_src_gen.pdbx_host_org_atcc                 ? 
_entity_src_gen.pdbx_host_org_culture_collection   ? 
_entity_src_gen.pdbx_host_org_cell                 ? 
_entity_src_gen.pdbx_host_org_organelle            ? 
_entity_src_gen.pdbx_host_org_cellular_location    ? 
_entity_src_gen.pdbx_host_org_vector_type          ? 
_entity_src_gen.pdbx_host_org_vector               ? 
_entity_src_gen.host_org_details                   ? 
_entity_src_gen.expression_system_id               ? 
_entity_src_gen.plasmid_name                       ? 
_entity_src_gen.plasmid_details                    ? 
_entity_src_gen.pdbx_description                   ? 
# 
_pdbx_entity_src_syn.entity_id              2 
_pdbx_entity_src_syn.pdbx_src_id            1 
_pdbx_entity_src_syn.pdbx_alt_source_flag   sample 
_pdbx_entity_src_syn.pdbx_beg_seq_num       1 
_pdbx_entity_src_syn.pdbx_end_seq_num       16 
_pdbx_entity_src_syn.organism_scientific    'Homo sapiens' 
_pdbx_entity_src_syn.organism_common_name   Human 
_pdbx_entity_src_syn.ncbi_taxonomy_id       9606 
_pdbx_entity_src_syn.details                ? 
# 
loop_
_chem_comp.id 
_chem_comp.type 
_chem_comp.mon_nstd_flag 
_chem_comp.name 
_chem_comp.pdbx_synonyms 
_chem_comp.formula 
_chem_comp.formula_weight 
ARG 'L-peptide linking' y ARGININE        ? 'C6 H15 N4 O2 1' 175.209 
ASN 'L-peptide linking' y ASPARAGINE      ? 'C4 H8 N2 O3'    132.118 
ASP 'L-peptide linking' y 'ASPARTIC ACID' ? 'C4 H7 N O4'     133.103 
CYS 'L-peptide linking' y CYSTEINE        ? 'C3 H7 N O2 S'   121.158 
GLN 'L-peptide linking' y GLUTAMINE       ? 'C5 H10 N2 O3'   146.144 
GLU 'L-peptide linking' y 'GLUTAMIC ACID' ? 'C5 H9 N O4'     147.129 
GLY 'peptide linking'   y GLYCINE         ? 'C2 H5 N O2'     75.067  
HIS 'L-peptide linking' y HISTIDINE       ? 'C6 H10 N3 O2 1' 156.162 
HOH non-polymer         . WATER           ? 'H2 O'           18.015  
ILE 'L-peptide linking' y ISOLEUCINE      ? 'C6 H13 N O2'    131.173 
LEU 'L-peptide linking' y LEUCINE         ? 'C6 H13 N O2'    131.173 
LYS 'L-peptide linking' y LYSINE          ? 'C6 H15 N2 O2 1' 147.195 
MET 'L-peptide linking' y METHIONINE      ? 'C5 H11 N O2 S'  149.211 
PHE 'L-peptide linking' y PHENYLALANINE   ? 'C9 H11 N O2'    165.189 
PRO 'L-peptide linking' y PROLINE         ? 'C5 H9 N O2'     115.130 
SER 'L-peptide linking' y SERINE          ? 'C3 H7 N O3'     105.093 
THR 'L-peptide linking' y THREONINE       ? 'C4 H9 N O3'     119.119 
TRP 'L-peptide linking' y TRYPTOPHAN      ? 'C11 H12 N2 O2'  204.225 
TYR 'L-peptide linking' y TYROSINE        ? 'C9 H11 N O3'    181.189 
VAL 'L-peptide linking' y VALINE          ? 'C5 H11 N O2'    117.146 
# 
loop_
_pdbx_poly_seq_scheme.asym_id 
_pdbx_poly_seq_scheme.entity_id 
_pdbx_poly_seq_scheme.seq_id 
_pdbx_poly_seq_scheme.mon_id 
_pdbx_poly_seq_scheme.ndb_seq_num 
_pdbx_poly_seq_scheme.pdb_seq_num 
_pdbx_poly_seq_scheme.auth_seq_num 
_pdbx_poly_seq_scheme.pdb_mon_id 
_pdbx_poly_seq_scheme.auth_mon_id 
_pdbx_poly_seq_scheme.pdb_strand_id 
_pdbx_poly_seq_scheme.pdb_ins_code 
_pdbx_poly_seq_scheme.hetero 
A 1 1  GLY 1  104 ?   ?   ?   A . n 
A 1 2  PRO 2  105 ?   ?   ?   A . n 
A 1 3  LEU 3  106 ?   ?   ?   A . n 
A 1 4  GLY 4  107 ?   ?   ?   A . n 
A 1 5  SER 5  108 ?   ?   ?   A . n 
A 1 6  LYS 6  109 109 LYS LYS A . n 
A 1 7  LYS 7  110 110 LYS LYS A . n 
A 1 8  ARG 8  111 111 ARG ARG A . n 
A 1 9  GLN 9  112 112 GLN GLN A . n 
A 1 10 CYS 10 113 113 CYS CYS A . n 
A 1 11 LYS 11 114 114 LYS LYS A . n 
A 1 12 VAL 12 115 115 VAL VAL A . n 
A 1 13 LEU 13 116 116 LEU LEU A . n 
A 1 14 PHE 14 117 117 PHE PHE A . n 
A 1 15 GLU 15 118 118 GLU GLU A . n 
A 1 16 TYR 16 119 119 TYR TYR A . n 
A 1 17 ILE 17 120 120 ILE ILE A . n 
A 1 18 PRO 18 121 121 PRO PRO A . n 
A 1 19 GLN 19 122 122 GLN GLN A . n 
A 1 20 ASN 20 123 123 ASN ASN A . n 
A 1 21 GLU 21 124 124 GLU GLU A . n 
A 1 22 ASP 22 125 125 ASP ASP A . n 
A 1 23 GLU 23 126 126 GLU GLU A . n 
A 1 24 LEU 24 127 127 LEU LEU A . n 
A 1 25 GLU 25 128 128 GLU GLU A . n 
A 1 26 LEU 26 129 129 LEU LEU A . n 
A 1 27 LYS 27 130 130 LYS LYS A . n 
A 1 28 VAL 28 131 131 VAL VAL A . n 
A 1 29 GLY 29 132 132 GLY GLY A . n 
A 1 30 ASP 30 133 133 ASP ASP A . n 
A 1 31 ILE 31 134 134 ILE ILE A . n 
A 1 32 ILE 32 135 135 ILE ILE A . n 
A 1 33 ASP 33 136 136 ASP ASP A . n 
A 1 34 ILE 34 137 137 ILE ILE A . n 
A 1 35 ASN 35 138 138 ASN ASN A . n 
A 1 36 GLU 36 139 139 GLU GLU A . n 
A 1 37 GLU 37 140 140 GLU GLU A . n 
A 1 38 VAL 38 141 141 VAL VAL A . n 
A 1 39 GLU 39 142 142 GLU GLU A . n 
A 1 40 GLU 40 143 143 GLU GLU A . n 
A 1 41 GLY 41 144 144 GLY GLY A . n 
A 1 42 TRP 42 145 145 TRP TRP A . n 
A 1 43 TRP 43 146 146 TRP TRP A . n 
A 1 44 SER 44 147 147 SER SER A . n 
A 1 45 GLY 45 148 148 GLY GLY A . n 
A 1 46 THR 46 149 149 THR THR A . n 
A 1 47 LEU 47 150 150 LEU LEU A . n 
A 1 48 ASN 48 151 151 ASN ASN A . n 
A 1 49 ASN 49 152 152 ASN ASN A . n 
A 1 50 LYS 50 153 153 LYS LYS A . n 
A 1 51 LEU 51 154 154 LEU LEU A . n 
A 1 52 GLY 52 155 155 GLY GLY A . n 
A 1 53 LEU 53 156 156 LEU LEU A . n 
A 1 54 PHE 54 157 157 PHE PHE A . n 
A 1 55 PRO 55 158 158 PRO PRO A . n 
A 1 56 SER 56 159 159 SER SER A . n 
A 1 57 ASN 57 160 160 ASN ASN A . n 
A 1 58 PHE 58 161 161 PHE PHE A . n 
A 1 59 VAL 59 162 162 VAL VAL A . n 
A 1 60 LYS 60 163 163 LYS LYS A . n 
A 1 61 GLU 61 164 164 GLU GLU A . n 
A 1 62 LEU 62 165 165 LEU LEU A . n 
A 1 63 GLU 63 166 166 GLU GLU A . n 
A 1 64 VAL 64 167 167 VAL VAL A . n 
A 1 65 THR 65 168 168 THR THR A . n 
B 2 1  ARG 1  76  ?   ?   ?   B . n 
B 2 2  PRO 2  77  77  PRO PRO B . n 
B 2 3  THR 3  78  78  THR THR B . n 
B 2 4  PRO 4  79  79  PRO PRO B . n 
B 2 5  ARG 5  80  80  ARG ARG B . n 
B 2 6  PRO 6  81  81  PRO PRO B . n 
B 2 7  VAL 7  82  82  VAL VAL B . n 
B 2 8  PRO 8  83  83  PRO PRO B . n 
B 2 9  MET 9  84  84  MET MET B . n 
B 2 10 LYS 10 85  85  LYS LYS B . n 
B 2 11 ARG 11 86  86  ARG ARG B . n 
B 2 12 HIS 12 87  87  HIS HIS B . n 
B 2 13 ILE 13 88  88  ILE ILE B . n 
B 2 14 PHE 14 89  89  PHE PHE B . n 
B 2 15 ARG 15 90  90  ARG ARG B . n 
B 2 16 SER 16 91  ?   ?   ?   B . n 
# 
loop_
_pdbx_nonpoly_scheme.asym_id 
_pdbx_nonpoly_scheme.entity_id 
_pdbx_nonpoly_scheme.mon_id 
_pdbx_nonpoly_scheme.ndb_seq_num 
_pdbx_nonpoly_scheme.pdb_seq_num 
_pdbx_nonpoly_scheme.auth_seq_num 
_pdbx_nonpoly_scheme.pdb_mon_id 
_pdbx_nonpoly_scheme.auth_mon_id 
_pdbx_nonpoly_scheme.pdb_strand_id 
_pdbx_nonpoly_scheme.pdb_ins_code 
C 3 HOH 1  201 13 HOH HOH A . 
C 3 HOH 2  202 49 HOH HOH A . 
C 3 HOH 3  203 12 HOH HOH A . 
C 3 HOH 4  204 15 HOH HOH A . 
C 3 HOH 5  205 18 HOH HOH A . 
C 3 HOH 6  206 57 HOH HOH A . 
C 3 HOH 7  207 60 HOH HOH A . 
C 3 HOH 8  208 25 HOH HOH A . 
C 3 HOH 9  209 69 HOH HOH A . 
C 3 HOH 10 210 19 HOH HOH A . 
C 3 HOH 11 211 55 HOH HOH A . 
C 3 HOH 12 212 32 HOH HOH A . 
C 3 HOH 13 213 23 HOH HOH A . 
C 3 HOH 14 214 29 HOH HOH A . 
C 3 HOH 15 215 66 HOH HOH A . 
C 3 HOH 16 216 31 HOH HOH A . 
C 3 HOH 17 217 9  HOH HOH A . 
C 3 HOH 18 218 34 HOH HOH A . 
C 3 HOH 19 219 14 HOH HOH A . 
C 3 HOH 20 220 44 HOH HOH A . 
C 3 HOH 21 221 10 HOH HOH A . 
C 3 HOH 22 222 2  HOH HOH A . 
C 3 HOH 23 223 33 HOH HOH A . 
C 3 HOH 24 224 7  HOH HOH A . 
C 3 HOH 25 225 68 HOH HOH A . 
C 3 HOH 26 226 36 HOH HOH A . 
C 3 HOH 27 227 48 HOH HOH A . 
C 3 HOH 28 228 5  HOH HOH A . 
C 3 HOH 29 229 17 HOH HOH A . 
C 3 HOH 30 230 11 HOH HOH A . 
C 3 HOH 31 231 8  HOH HOH A . 
C 3 HOH 32 232 30 HOH HOH A . 
C 3 HOH 33 233 50 HOH HOH A . 
C 3 HOH 34 234 42 HOH HOH A . 
C 3 HOH 35 235 67 HOH HOH A . 
C 3 HOH 36 236 43 HOH HOH A . 
C 3 HOH 37 237 16 HOH HOH A . 
C 3 HOH 38 238 39 HOH HOH A . 
C 3 HOH 39 239 20 HOH HOH A . 
C 3 HOH 40 240 41 HOH HOH A . 
C 3 HOH 41 241 21 HOH HOH A . 
C 3 HOH 42 242 6  HOH HOH A . 
C 3 HOH 43 243 59 HOH HOH A . 
C 3 HOH 44 244 46 HOH HOH A . 
C 3 HOH 45 245 35 HOH HOH A . 
C 3 HOH 46 246 24 HOH HOH A . 
C 3 HOH 47 247 63 HOH HOH A . 
C 3 HOH 48 248 58 HOH HOH A . 
C 3 HOH 49 249 1  HOH HOH A . 
C 3 HOH 50 250 4  HOH HOH A . 
C 3 HOH 51 251 22 HOH HOH A . 
C 3 HOH 52 252 27 HOH HOH A . 
C 3 HOH 53 253 37 HOH HOH A . 
C 3 HOH 54 254 38 HOH HOH A . 
C 3 HOH 55 255 40 HOH HOH A . 
C 3 HOH 56 256 52 HOH HOH A . 
C 3 HOH 57 257 56 HOH HOH A . 
C 3 HOH 58 258 61 HOH HOH A . 
C 3 HOH 59 259 64 HOH HOH A . 
D 3 HOH 1  101 28 HOH HOH B . 
D 3 HOH 2  102 51 HOH HOH B . 
D 3 HOH 3  103 65 HOH HOH B . 
D 3 HOH 4  104 3  HOH HOH B . 
D 3 HOH 5  105 45 HOH HOH B . 
D 3 HOH 6  106 62 HOH HOH B . 
D 3 HOH 7  107 47 HOH HOH B . 
D 3 HOH 8  108 54 HOH HOH B . 
D 3 HOH 9  109 53 HOH HOH B . 
# 
loop_
_pdbx_unobs_or_zero_occ_atoms.id 
_pdbx_unobs_or_zero_occ_atoms.PDB_model_num 
_pdbx_unobs_or_zero_occ_atoms.polymer_flag 
_pdbx_unobs_or_zero_occ_atoms.occupancy_flag 
_pdbx_unobs_or_zero_occ_atoms.auth_asym_id 
_pdbx_unobs_or_zero_occ_atoms.auth_comp_id 
_pdbx_unobs_or_zero_occ_atoms.auth_seq_id 
_pdbx_unobs_or_zero_occ_atoms.PDB_ins_code 
_pdbx_unobs_or_zero_occ_atoms.auth_atom_id 
_pdbx_unobs_or_zero_occ_atoms.label_alt_id 
_pdbx_unobs_or_zero_occ_atoms.label_asym_id 
_pdbx_unobs_or_zero_occ_atoms.label_comp_id 
_pdbx_unobs_or_zero_occ_atoms.label_seq_id 
_pdbx_unobs_or_zero_occ_atoms.label_atom_id 
1  1 Y 1 A LYS 109 ? N   ? A LYS 6  N   
2  1 Y 1 A LYS 109 ? CA  ? A LYS 6  CA  
3  1 Y 1 A LYS 109 ? CB  ? A LYS 6  CB  
4  1 Y 1 A LYS 109 ? CG  ? A LYS 6  CG  
5  1 Y 1 A LYS 109 ? CD  ? A LYS 6  CD  
6  1 Y 1 A LYS 109 ? CE  ? A LYS 6  CE  
7  1 Y 1 A LYS 109 ? NZ  ? A LYS 6  NZ  
8  1 Y 1 A LYS 110 ? CD  ? A LYS 7  CD  
9  1 Y 1 A LYS 110 ? CE  ? A LYS 7  CE  
10 1 Y 1 A LYS 110 ? NZ  ? A LYS 7  NZ  
11 1 Y 1 A GLU 124 ? CG  ? A GLU 21 CG  
12 1 Y 1 A GLU 124 ? CD  ? A GLU 21 CD  
13 1 Y 1 A GLU 124 ? OE1 ? A GLU 21 OE1 
14 1 Y 1 A GLU 124 ? OE2 ? A GLU 21 OE2 
15 1 Y 1 A LYS 130 ? CE  ? A LYS 27 CE  
16 1 Y 1 A LYS 130 ? NZ  ? A LYS 27 NZ  
17 1 Y 1 A VAL 167 ? CG1 ? A VAL 64 CG1 
18 1 Y 1 A VAL 167 ? CG2 ? A VAL 64 CG2 
19 1 Y 1 A THR 168 ? C   ? A THR 65 C   
20 1 Y 1 A THR 168 ? O   ? A THR 65 O   
21 1 Y 1 A THR 168 ? CB  ? A THR 65 CB  
22 1 Y 1 A THR 168 ? OG1 ? A THR 65 OG1 
23 1 Y 1 A THR 168 ? CG2 ? A THR 65 CG2 
24 1 Y 1 B PRO 77  ? N   ? B PRO 2  N   
25 1 Y 1 B PRO 77  ? CB  ? B PRO 2  CB  
26 1 Y 1 B PRO 77  ? CG  ? B PRO 2  CG  
27 1 Y 1 B PRO 77  ? CD  ? B PRO 2  CD  
28 1 Y 1 B THR 78  ? OG1 ? B THR 3  OG1 
29 1 Y 1 B THR 78  ? CG2 ? B THR 3  CG2 
30 1 Y 1 B ARG 90  ? C   ? B ARG 15 C   
31 1 Y 1 B ARG 90  ? O   ? B ARG 15 O   
32 1 Y 1 B ARG 90  ? CB  ? B ARG 15 CB  
33 1 Y 1 B ARG 90  ? CG  ? B ARG 15 CG  
34 1 Y 1 B ARG 90  ? CD  ? B ARG 15 CD  
35 1 Y 1 B ARG 90  ? NE  ? B ARG 15 NE  
36 1 Y 1 B ARG 90  ? CZ  ? B ARG 15 CZ  
37 1 Y 1 B ARG 90  ? NH1 ? B ARG 15 NH1 
38 1 Y 1 B ARG 90  ? NH2 ? B ARG 15 NH2 
# 
loop_
_software.citation_id 
_software.classification 
_software.compiler_name 
_software.compiler_version 
_software.contact_author 
_software.contact_author_email 
_software.date 
_software.description 
_software.dependencies 
_software.hardware 
_software.language 
_software.location 
_software.mods 
_software.name 
_software.os 
_software.os_version 
_software.type 
_software.version 
_software.pdbx_ordinal 
? refinement       ? ? ? ? ? ? ? ? ? ? ? REFMAC ? ? ? 5.8.0073 1 
? 'data scaling'   ? ? ? ? ? ? ? ? ? ? ? SCALA  ? ? ? .        2 
? 'data reduction' ? ? ? ? ? ? ? ? ? ? ? MOSFLM ? ? ? .        3 
? phasing          ? ? ? ? ? ? ? ? ? ? ? PHASER ? ? ? .        4 
# 
_cell.angle_alpha                  90.00 
_cell.angle_alpha_esd              ? 
_cell.angle_beta                   90.00 
_cell.angle_beta_esd               ? 
_cell.angle_gamma                  90.00 
_cell.angle_gamma_esd              ? 
_cell.entry_id                     4X1V 
_cell.details                      ? 
_cell.formula_units_Z              ? 
_cell.length_a                     44.590 
_cell.length_a_esd                 ? 
_cell.length_b                     44.590 
_cell.length_b_esd                 ? 
_cell.length_c                     32.940 
_cell.length_c_esd                 ? 
_cell.volume                       ? 
_cell.volume_esd                   ? 
_cell.Z_PDB                        4 
_cell.reciprocal_angle_alpha       ? 
_cell.reciprocal_angle_beta        ? 
_cell.reciprocal_angle_gamma       ? 
_cell.reciprocal_angle_alpha_esd   ? 
_cell.reciprocal_angle_beta_esd    ? 
_cell.reciprocal_angle_gamma_esd   ? 
_cell.reciprocal_length_a          ? 
_cell.reciprocal_length_b          ? 
_cell.reciprocal_length_c          ? 
_cell.reciprocal_length_a_esd      ? 
_cell.reciprocal_length_b_esd      ? 
_cell.reciprocal_length_c_esd      ? 
_cell.pdbx_unique_axis             ? 
# 
_symmetry.entry_id                         4X1V 
_symmetry.cell_setting                     ? 
_symmetry.Int_Tables_number                78 
_symmetry.space_group_name_Hall            ? 
_symmetry.space_group_name_H-M             'P 43' 
_symmetry.pdbx_full_space_group_name_H-M   ? 
# 
_exptl.absorpt_coefficient_mu     ? 
_exptl.absorpt_correction_T_max   ? 
_exptl.absorpt_correction_T_min   ? 
_exptl.absorpt_correction_type    ? 
_exptl.absorpt_process_details    ? 
_exptl.entry_id                   4X1V 
_exptl.crystals_number            ? 
_exptl.details                    ? 
_exptl.method                     'X-RAY DIFFRACTION' 
_exptl.method_details             ? 
# 
_exptl_crystal.colour                      ? 
_exptl_crystal.density_diffrn              ? 
_exptl_crystal.density_Matthews            1.74 
_exptl_crystal.density_method              ? 
_exptl_crystal.density_percent_sol         29.19 
_exptl_crystal.description                 ? 
_exptl_crystal.F_000                       ? 
_exptl_crystal.id                          1 
_exptl_crystal.preparation                 ? 
_exptl_crystal.size_max                    ? 
_exptl_crystal.size_mid                    ? 
_exptl_crystal.size_min                    ? 
_exptl_crystal.size_rad                    ? 
_exptl_crystal.colour_lustre               ? 
_exptl_crystal.colour_modifier             ? 
_exptl_crystal.colour_primary              ? 
_exptl_crystal.density_meas                ? 
_exptl_crystal.density_meas_esd            ? 
_exptl_crystal.density_meas_gt             ? 
_exptl_crystal.density_meas_lt             ? 
_exptl_crystal.density_meas_temp           ? 
_exptl_crystal.density_meas_temp_esd       ? 
_exptl_crystal.density_meas_temp_gt        ? 
_exptl_crystal.density_meas_temp_lt        ? 
_exptl_crystal.pdbx_crystal_image_url      ? 
_exptl_crystal.pdbx_crystal_image_format   ? 
_exptl_crystal.pdbx_mosaicity              ? 
_exptl_crystal.pdbx_mosaicity_esd          ? 
# 
_exptl_crystal_grow.apparatus       ? 
_exptl_crystal_grow.atmosphere      ? 
_exptl_crystal_grow.crystal_id      1 
_exptl_crystal_grow.details         ? 
_exptl_crystal_grow.method          'VAPOR DIFFUSION, SITTING DROP' 
_exptl_crystal_grow.method_ref      ? 
_exptl_crystal_grow.pH              7.5 
_exptl_crystal_grow.pressure        ? 
_exptl_crystal_grow.pressure_esd    ? 
_exptl_crystal_grow.seeding         ? 
_exptl_crystal_grow.seeding_ref     ? 
_exptl_crystal_grow.temp            298 
_exptl_crystal_grow.temp_details    ? 
_exptl_crystal_grow.temp_esd        ? 
_exptl_crystal_grow.time            ? 
_exptl_crystal_grow.pdbx_details    '0.1 M HEPES pH 7.5, 1.4 M tri-sodium citrate dehydrate' 
_exptl_crystal_grow.pdbx_pH_range   ? 
# 
_diffrn.ambient_environment    ? 
_diffrn.ambient_temp           100 
_diffrn.ambient_temp_details   ? 
_diffrn.ambient_temp_esd       ? 
_diffrn.crystal_id             1 
_diffrn.crystal_support        ? 
_diffrn.crystal_treatment      ? 
_diffrn.details                ? 
_diffrn.id                     1 
_diffrn.ambient_pressure       ? 
_diffrn.ambient_pressure_esd   ? 
_diffrn.ambient_pressure_gt    ? 
_diffrn.ambient_pressure_lt    ? 
_diffrn.ambient_temp_gt        ? 
_diffrn.ambient_temp_lt        ? 
# 
_diffrn_detector.details                      ? 
_diffrn_detector.detector                     PIXEL 
_diffrn_detector.diffrn_id                    1 
_diffrn_detector.type                         'PSI PILATUS 6M' 
_diffrn_detector.area_resol_mean              ? 
_diffrn_detector.dtime                        ? 
_diffrn_detector.pdbx_frames_total            ? 
_diffrn_detector.pdbx_collection_time_total   ? 
_diffrn_detector.pdbx_collection_date         2013-11-10 
# 
_diffrn_radiation.collimation                      ? 
_diffrn_radiation.diffrn_id                        1 
_diffrn_radiation.filter_edge                      ? 
_diffrn_radiation.inhomogeneity                    ? 
_diffrn_radiation.monochromator                    ? 
_diffrn_radiation.polarisn_norm                    ? 
_diffrn_radiation.polarisn_ratio                   ? 
_diffrn_radiation.probe                            ? 
_diffrn_radiation.type                             ? 
_diffrn_radiation.xray_symbol                      ? 
_diffrn_radiation.wavelength_id                    1 
_diffrn_radiation.pdbx_monochromatic_or_laue_m_l   M 
_diffrn_radiation.pdbx_wavelength_list             ? 
_diffrn_radiation.pdbx_wavelength                  ? 
_diffrn_radiation.pdbx_diffrn_protocol             'SINGLE WAVELENGTH' 
_diffrn_radiation.pdbx_analyzer                    ? 
_diffrn_radiation.pdbx_scattering_type             x-ray 
# 
_diffrn_radiation_wavelength.id           1 
_diffrn_radiation_wavelength.wavelength   0.97625 
_diffrn_radiation_wavelength.wt           1.0 
# 
_diffrn_source.current                     ? 
_diffrn_source.details                     ? 
_diffrn_source.diffrn_id                   1 
_diffrn_source.power                       ? 
_diffrn_source.size                        ? 
_diffrn_source.source                      SYNCHROTRON 
_diffrn_source.target                      ? 
_diffrn_source.type                        'DIAMOND BEAMLINE I04' 
_diffrn_source.voltage                     ? 
_diffrn_source.take-off_angle              ? 
_diffrn_source.pdbx_wavelength_list        0.97625 
_diffrn_source.pdbx_wavelength             ? 
_diffrn_source.pdbx_synchrotron_beamline   I04 
_diffrn_source.pdbx_synchrotron_site       Diamond 
# 
_reflns.B_iso_Wilson_estimate            ? 
_reflns.entry_id                         4X1V 
_reflns.data_reduction_details           ? 
_reflns.data_reduction_method            ? 
_reflns.d_resolution_high                1.58 
_reflns.d_resolution_low                 44.59 
_reflns.details                          ? 
_reflns.limit_h_max                      ? 
_reflns.limit_h_min                      ? 
_reflns.limit_k_max                      ? 
_reflns.limit_k_min                      ? 
_reflns.limit_l_max                      ? 
_reflns.limit_l_min                      ? 
_reflns.number_all                       ? 
_reflns.number_obs                       8587 
_reflns.observed_criterion               ? 
_reflns.observed_criterion_F_max         ? 
_reflns.observed_criterion_F_min         ? 
_reflns.observed_criterion_I_max         ? 
_reflns.observed_criterion_I_min         ? 
_reflns.observed_criterion_sigma_F       ? 
_reflns.observed_criterion_sigma_I       ? 
_reflns.percent_possible_obs             99.9 
_reflns.R_free_details                   ? 
_reflns.Rmerge_F_all                     ? 
_reflns.Rmerge_F_obs                     ? 
_reflns.Friedel_coverage                 ? 
_reflns.number_gt                        ? 
_reflns.threshold_expression             ? 
_reflns.pdbx_redundancy                  7.2 
_reflns.pdbx_Rmerge_I_obs                ? 
_reflns.pdbx_Rmerge_I_all                ? 
_reflns.pdbx_Rsym_value                  ? 
_reflns.pdbx_netI_over_av_sigmaI         ? 
_reflns.pdbx_netI_over_sigmaI            2.24 
_reflns.pdbx_res_netI_over_av_sigmaI_2   ? 
_reflns.pdbx_res_netI_over_sigmaI_2      ? 
_reflns.pdbx_chi_squared                 ? 
_reflns.pdbx_scaling_rejects             ? 
_reflns.pdbx_d_res_high_opt              ? 
_reflns.pdbx_d_res_low_opt               ? 
_reflns.pdbx_d_res_opt_method            ? 
_reflns.phase_calculation_details        ? 
_reflns.pdbx_Rrim_I_all                  ? 
_reflns.pdbx_Rpim_I_all                  ? 
_reflns.pdbx_d_opt                       ? 
_reflns.pdbx_number_measured_all         ? 
_reflns.pdbx_diffrn_id                   1 
_reflns.pdbx_ordinal                     1 
_reflns.pdbx_CC_half                     ? 
_reflns.pdbx_R_split                     ? 
# 
_refine.aniso_B[1][1]                            -0.30 
_refine.aniso_B[1][2]                            0.00 
_refine.aniso_B[1][3]                            0.00 
_refine.aniso_B[2][2]                            -0.30 
_refine.aniso_B[2][3]                            0.00 
_refine.aniso_B[3][3]                            0.61 
_refine.B_iso_max                                ? 
_refine.B_iso_mean                               22.071 
_refine.B_iso_min                                ? 
_refine.correlation_coeff_Fo_to_Fc               0.972 
_refine.correlation_coeff_Fo_to_Fc_free          0.952 
_refine.details                                  'HYDROGENS HAVE BEEN ADDED IN THE RIDING POSITIONS' 
_refine.diff_density_max                         ? 
_refine.diff_density_max_esd                     ? 
_refine.diff_density_min                         ? 
_refine.diff_density_min_esd                     ? 
_refine.diff_density_rms                         ? 
_refine.diff_density_rms_esd                     ? 
_refine.entry_id                                 4X1V 
_refine.pdbx_refine_id                           'X-RAY DIFFRACTION' 
_refine.ls_abs_structure_details                 ? 
_refine.ls_abs_structure_Flack                   ? 
_refine.ls_abs_structure_Flack_esd               ? 
_refine.ls_abs_structure_Rogers                  ? 
_refine.ls_abs_structure_Rogers_esd              ? 
_refine.ls_d_res_high                            1.58 
_refine.ls_d_res_low                             44.59 
_refine.ls_extinction_coef                       ? 
_refine.ls_extinction_coef_esd                   ? 
_refine.ls_extinction_expression                 ? 
_refine.ls_extinction_method                     ? 
_refine.ls_goodness_of_fit_all                   ? 
_refine.ls_goodness_of_fit_all_esd               ? 
_refine.ls_goodness_of_fit_obs                   ? 
_refine.ls_goodness_of_fit_obs_esd               ? 
_refine.ls_hydrogen_treatment                    ? 
_refine.ls_matrix_type                           ? 
_refine.ls_number_constraints                    ? 
_refine.ls_number_parameters                     ? 
_refine.ls_number_reflns_all                     ? 
_refine.ls_number_reflns_obs                     8587 
_refine.ls_number_reflns_R_free                  432 
_refine.ls_number_reflns_R_work                  ? 
_refine.ls_number_restraints                     ? 
_refine.ls_percent_reflns_obs                    99.89 
_refine.ls_percent_reflns_R_free                 4.8 
_refine.ls_R_factor_all                          ? 
_refine.ls_R_factor_obs                          0.16154 
_refine.ls_R_factor_R_free                       0.19993 
_refine.ls_R_factor_R_free_error                 ? 
_refine.ls_R_factor_R_free_error_details         ? 
_refine.ls_R_factor_R_work                       0.15966 
_refine.ls_R_Fsqd_factor_obs                     ? 
_refine.ls_R_I_factor_obs                        ? 
_refine.ls_redundancy_reflns_all                 ? 
_refine.ls_redundancy_reflns_obs                 ? 
_refine.ls_restrained_S_all                      ? 
_refine.ls_restrained_S_obs                      ? 
_refine.ls_shift_over_esd_max                    ? 
_refine.ls_shift_over_esd_mean                   ? 
_refine.ls_structure_factor_coef                 ? 
_refine.ls_weighting_details                     ? 
_refine.ls_weighting_scheme                      ? 
_refine.ls_wR_factor_all                         ? 
_refine.ls_wR_factor_obs                         ? 
_refine.ls_wR_factor_R_free                      ? 
_refine.ls_wR_factor_R_work                      ? 
_refine.occupancy_max                            ? 
_refine.occupancy_min                            ? 
_refine.solvent_model_details                    MASK 
_refine.solvent_model_param_bsol                 ? 
_refine.solvent_model_param_ksol                 ? 
_refine.ls_R_factor_gt                           ? 
_refine.ls_goodness_of_fit_gt                    ? 
_refine.ls_goodness_of_fit_ref                   ? 
_refine.ls_shift_over_su_max                     ? 
_refine.ls_shift_over_su_max_lt                  ? 
_refine.ls_shift_over_su_mean                    ? 
_refine.ls_shift_over_su_mean_lt                 ? 
_refine.pdbx_ls_sigma_I                          ? 
_refine.pdbx_ls_sigma_F                          ? 
_refine.pdbx_ls_sigma_Fsqd                       ? 
_refine.pdbx_data_cutoff_high_absF               ? 
_refine.pdbx_data_cutoff_high_rms_absF           ? 
_refine.pdbx_data_cutoff_low_absF                ? 
_refine.pdbx_isotropic_thermal_model             ? 
_refine.pdbx_ls_cross_valid_method               THROUGHOUT 
_refine.pdbx_method_to_determine_struct          ? 
_refine.pdbx_starting_model                      ? 
_refine.pdbx_stereochemistry_target_values       'MAXIMUM LIKELIHOOD' 
_refine.pdbx_R_Free_selection_details            RANDOM 
_refine.pdbx_stereochem_target_val_spec_case     ? 
_refine.pdbx_overall_ESU_R                       0.087 
_refine.pdbx_overall_ESU_R_Free                  0.090 
_refine.pdbx_solvent_vdw_probe_radii             1.20 
_refine.pdbx_solvent_ion_probe_radii             0.80 
_refine.pdbx_solvent_shrinkage_radii             0.80 
_refine.pdbx_real_space_R                        ? 
_refine.pdbx_density_correlation                 ? 
_refine.pdbx_pd_number_of_powder_patterns        ? 
_refine.pdbx_pd_number_of_points                 ? 
_refine.pdbx_pd_meas_number_of_points            ? 
_refine.pdbx_pd_proc_ls_prof_R_factor            ? 
_refine.pdbx_pd_proc_ls_prof_wR_factor           ? 
_refine.pdbx_pd_Marquardt_correlation_coeff      ? 
_refine.pdbx_pd_Fsqrd_R_factor                   ? 
_refine.pdbx_pd_ls_matrix_band_width             ? 
_refine.pdbx_overall_phase_error                 ? 
_refine.pdbx_overall_SU_R_free_Cruickshank_DPI   ? 
_refine.pdbx_overall_SU_R_free_Blow_DPI          ? 
_refine.pdbx_overall_SU_R_Blow_DPI               ? 
_refine.pdbx_TLS_residual_ADP_flag               ? 
_refine.pdbx_diffrn_id                           1 
_refine.overall_SU_B                             1.667 
_refine.overall_SU_ML                            0.061 
_refine.overall_SU_R_Cruickshank_DPI             ? 
_refine.overall_SU_R_free                        ? 
_refine.overall_FOM_free_R_set                   ? 
_refine.overall_FOM_work_R_set                   ? 
_refine.pdbx_average_fsc_overall                 ? 
_refine.pdbx_average_fsc_work                    ? 
_refine.pdbx_average_fsc_free                    ? 
# 
_refine_hist.pdbx_refine_id                   'X-RAY DIFFRACTION' 
_refine_hist.cycle_id                         1 
_refine_hist.pdbx_number_atoms_protein        578 
_refine_hist.pdbx_number_atoms_nucleic_acid   0 
_refine_hist.pdbx_number_atoms_ligand         0 
_refine_hist.number_atoms_solvent             68 
_refine_hist.number_atoms_total               646 
_refine_hist.d_res_high                       1.58 
_refine_hist.d_res_low                        44.59 
# 
loop_
_refine_ls_restr.pdbx_refine_id 
_refine_ls_restr.criterion 
_refine_ls_restr.dev_ideal 
_refine_ls_restr.dev_ideal_target 
_refine_ls_restr.number 
_refine_ls_restr.rejects 
_refine_ls_restr.type 
_refine_ls_restr.weight 
_refine_ls_restr.pdbx_restraint_function 
'X-RAY DIFFRACTION' ? 0.021  0.019  632  ? r_bond_refined_d             ? ? 
'X-RAY DIFFRACTION' ? 0.001  0.020  591  ? r_bond_other_d               ? ? 
'X-RAY DIFFRACTION' ? 2.057  1.970  864  ? r_angle_refined_deg          ? ? 
'X-RAY DIFFRACTION' ? 0.935  3.000  1373 ? r_angle_other_deg            ? ? 
'X-RAY DIFFRACTION' ? 6.201  5.000  83   ? r_dihedral_angle_1_deg       ? ? 
'X-RAY DIFFRACTION' ? 35.181 25.152 33   ? r_dihedral_angle_2_deg       ? ? 
'X-RAY DIFFRACTION' ? 14.214 15.000 113  ? r_dihedral_angle_3_deg       ? ? 
'X-RAY DIFFRACTION' ? 23.369 15.000 4    ? r_dihedral_angle_4_deg       ? ? 
'X-RAY DIFFRACTION' ? 0.123  0.200  92   ? r_chiral_restr               ? ? 
'X-RAY DIFFRACTION' ? 0.011  0.021  734  ? r_gen_planes_refined         ? ? 
'X-RAY DIFFRACTION' ? 0.001  0.020  144  ? r_gen_planes_other           ? ? 
'X-RAY DIFFRACTION' ? ?      ?      ?    ? r_nbd_refined                ? ? 
'X-RAY DIFFRACTION' ? ?      ?      ?    ? r_nbd_other                  ? ? 
'X-RAY DIFFRACTION' ? ?      ?      ?    ? r_nbtor_refined              ? ? 
'X-RAY DIFFRACTION' ? ?      ?      ?    ? r_nbtor_other                ? ? 
'X-RAY DIFFRACTION' ? ?      ?      ?    ? r_xyhbond_nbd_refined        ? ? 
'X-RAY DIFFRACTION' ? ?      ?      ?    ? r_xyhbond_nbd_other          ? ? 
'X-RAY DIFFRACTION' ? ?      ?      ?    ? r_metal_ion_refined          ? ? 
'X-RAY DIFFRACTION' ? ?      ?      ?    ? r_metal_ion_other            ? ? 
'X-RAY DIFFRACTION' ? ?      ?      ?    ? r_symmetry_vdw_refined       ? ? 
'X-RAY DIFFRACTION' ? ?      ?      ?    ? r_symmetry_vdw_other         ? ? 
'X-RAY DIFFRACTION' ? ?      ?      ?    ? r_symmetry_hbond_refined     ? ? 
'X-RAY DIFFRACTION' ? ?      ?      ?    ? r_symmetry_hbond_other       ? ? 
'X-RAY DIFFRACTION' ? ?      ?      ?    ? r_symmetry_metal_ion_refined ? ? 
'X-RAY DIFFRACTION' ? ?      ?      ?    ? r_symmetry_metal_ion_other   ? ? 
'X-RAY DIFFRACTION' ? 2.531  2.040  302  ? r_mcbond_it                  ? ? 
'X-RAY DIFFRACTION' ? 2.528  2.050  303  ? r_mcbond_other               ? ? 
'X-RAY DIFFRACTION' ? 4.057  3.020  379  ? r_mcangle_it                 ? ? 
'X-RAY DIFFRACTION' ? 4.058  3.033  380  ? r_mcangle_other              ? ? 
'X-RAY DIFFRACTION' ? 3.332  2.265  330  ? r_scbond_it                  ? ? 
'X-RAY DIFFRACTION' ? 3.327  2.266  331  ? r_scbond_other               ? ? 
'X-RAY DIFFRACTION' ? ?      ?      ?    ? r_scangle_it                 ? ? 
'X-RAY DIFFRACTION' ? 4.833  3.288  481  ? r_scangle_other              ? ? 
'X-RAY DIFFRACTION' ? 7.033  16.590 705  ? r_long_range_B_refined       ? ? 
'X-RAY DIFFRACTION' ? 6.943  16.080 687  ? r_long_range_B_other         ? ? 
'X-RAY DIFFRACTION' ? ?      ?      ?    ? r_rigid_bond_restr           ? ? 
'X-RAY DIFFRACTION' ? ?      ?      ?    ? r_sphericity_free            ? ? 
'X-RAY DIFFRACTION' ? ?      ?      ?    ? r_sphericity_bonded          ? ? 
# 
_refine_ls_shell.pdbx_refine_id                   'X-RAY DIFFRACTION' 
_refine_ls_shell.d_res_high                       1.578 
_refine_ls_shell.d_res_low                        1.619 
_refine_ls_shell.number_reflns_all                ? 
_refine_ls_shell.number_reflns_obs                ? 
_refine_ls_shell.number_reflns_R_free             31 
_refine_ls_shell.number_reflns_R_work             621 
_refine_ls_shell.percent_reflns_obs               100.00 
_refine_ls_shell.percent_reflns_R_free            ? 
_refine_ls_shell.R_factor_all                     ? 
_refine_ls_shell.R_factor_obs                     ? 
_refine_ls_shell.R_factor_R_free                  0.236 
_refine_ls_shell.R_factor_R_free_error            ? 
_refine_ls_shell.R_factor_R_work                  0.175 
_refine_ls_shell.redundancy_reflns_all            ? 
_refine_ls_shell.redundancy_reflns_obs            ? 
_refine_ls_shell.wR_factor_all                    ? 
_refine_ls_shell.wR_factor_obs                    ? 
_refine_ls_shell.wR_factor_R_free                 ? 
_refine_ls_shell.wR_factor_R_work                 ? 
_refine_ls_shell.pdbx_total_number_of_bins_used   20 
_refine_ls_shell.pdbx_phase_error                 ? 
_refine_ls_shell.pdbx_fsc_work                    ? 
_refine_ls_shell.pdbx_fsc_free                    ? 
# 
_struct.entry_id                     4X1V 
_struct.title                        
'Crystal structure of the 2nd SH3 domain from human CD2AP (CMS) in complex with a proline-rich peptide (aa 76-91) from human ARAP1' 
_struct.pdbx_model_details           ? 
_struct.pdbx_formula_weight          ? 
_struct.pdbx_formula_weight_method   ? 
_struct.pdbx_model_type_details      ? 
_struct.pdbx_CASP_flag               ? 
# 
_struct_keywords.entry_id        4X1V 
_struct_keywords.text            
'Endocytosis adaptor protein, Protein-peptide binary complex, kidney, signaling protein, Structural Genomics Consortium, SGC' 
_struct_keywords.pdbx_keywords   'SIGNALING PROTEIN' 
# 
loop_
_struct_asym.id 
_struct_asym.pdbx_blank_PDB_chainid_flag 
_struct_asym.pdbx_modified 
_struct_asym.entity_id 
_struct_asym.details 
A N N 1 ? 
B N N 2 ? 
C N N 3 ? 
D N N 3 ? 
# 
loop_
_struct_ref.id 
_struct_ref.db_name 
_struct_ref.db_code 
_struct_ref.pdbx_db_accession 
_struct_ref.pdbx_db_isoform 
_struct_ref.entity_id 
_struct_ref.pdbx_seq_one_letter_code 
_struct_ref.pdbx_align_begin 
1 UNP CD2AP_HUMAN Q9Y5K6 ? 1 KKRQCKVLFEYIPQNEDELELKVGDIIDINEEVEEGWWSGTLNNKLGLFPSNFVKELEVT 109 
2 UNP ARAP1_HUMAN Q96P48 ? 2 RPTPRPVPMKRHIFRS                                             76  
# 
loop_
_struct_ref_seq.align_id 
_struct_ref_seq.ref_id 
_struct_ref_seq.pdbx_PDB_id_code 
_struct_ref_seq.pdbx_strand_id 
_struct_ref_seq.seq_align_beg 
_struct_ref_seq.pdbx_seq_align_beg_ins_code 
_struct_ref_seq.seq_align_end 
_struct_ref_seq.pdbx_seq_align_end_ins_code 
_struct_ref_seq.pdbx_db_accession 
_struct_ref_seq.db_align_beg 
_struct_ref_seq.pdbx_db_align_beg_ins_code 
_struct_ref_seq.db_align_end 
_struct_ref_seq.pdbx_db_align_end_ins_code 
_struct_ref_seq.pdbx_auth_seq_align_beg 
_struct_ref_seq.pdbx_auth_seq_align_end 
1 1 4X1V A 6 ? 65 ? Q9Y5K6 109 ? 168 ? 109 168 
2 2 4X1V B 1 ? 16 ? Q96P48 76  ? 91  ? 76  91  
# 
loop_
_struct_ref_seq_dif.align_id 
_struct_ref_seq_dif.pdbx_pdb_id_code 
_struct_ref_seq_dif.mon_id 
_struct_ref_seq_dif.pdbx_pdb_strand_id 
_struct_ref_seq_dif.seq_num 
_struct_ref_seq_dif.pdbx_pdb_ins_code 
_struct_ref_seq_dif.pdbx_seq_db_name 
_struct_ref_seq_dif.pdbx_seq_db_accession_code 
_struct_ref_seq_dif.db_mon_id 
_struct_ref_seq_dif.pdbx_seq_db_seq_num 
_struct_ref_seq_dif.details 
_struct_ref_seq_dif.pdbx_auth_seq_num 
_struct_ref_seq_dif.pdbx_ordinal 
1 4X1V GLY A 1 ? UNP Q9Y5K6 ? ? 'expression tag' 104 1 
1 4X1V PRO A 2 ? UNP Q9Y5K6 ? ? 'expression tag' 105 2 
1 4X1V LEU A 3 ? UNP Q9Y5K6 ? ? 'expression tag' 106 3 
1 4X1V GLY A 4 ? UNP Q9Y5K6 ? ? 'expression tag' 107 4 
1 4X1V SER A 5 ? UNP Q9Y5K6 ? ? 'expression tag' 108 5 
# 
_pdbx_struct_assembly.id                   1 
_pdbx_struct_assembly.details              author_and_software_defined_assembly 
_pdbx_struct_assembly.method_details       PISA 
_pdbx_struct_assembly.oligomeric_details   dimeric 
_pdbx_struct_assembly.oligomeric_count     2 
# 
loop_
_pdbx_struct_assembly_prop.biol_id 
_pdbx_struct_assembly_prop.type 
_pdbx_struct_assembly_prop.value 
_pdbx_struct_assembly_prop.details 
1 'ABSA (A^2)' 1180 ? 
1 MORE         -5   ? 
1 'SSA (A^2)'  4900 ? 
# 
_pdbx_struct_assembly_gen.assembly_id       1 
_pdbx_struct_assembly_gen.oper_expression   1 
_pdbx_struct_assembly_gen.asym_id_list      A,B,C,D 
# 
_pdbx_struct_oper_list.id                   1 
_pdbx_struct_oper_list.type                 'identity operation' 
_pdbx_struct_oper_list.name                 1_555 
_pdbx_struct_oper_list.symmetry_operation   x,y,z 
_pdbx_struct_oper_list.matrix[1][1]         1.0000000000 
_pdbx_struct_oper_list.matrix[1][2]         0.0000000000 
_pdbx_struct_oper_list.matrix[1][3]         0.0000000000 
_pdbx_struct_oper_list.vector[1]            0.0000000000 
_pdbx_struct_oper_list.matrix[2][1]         0.0000000000 
_pdbx_struct_oper_list.matrix[2][2]         1.0000000000 
_pdbx_struct_oper_list.matrix[2][3]         0.0000000000 
_pdbx_struct_oper_list.vector[2]            0.0000000000 
_pdbx_struct_oper_list.matrix[3][1]         0.0000000000 
_pdbx_struct_oper_list.matrix[3][2]         0.0000000000 
_pdbx_struct_oper_list.matrix[3][3]         1.0000000000 
_pdbx_struct_oper_list.vector[3]            0.0000000000 
# 
_struct_sheet.id               AA1 
_struct_sheet.type             ? 
_struct_sheet.number_strands   5 
_struct_sheet.details          ? 
# 
loop_
_struct_sheet_order.sheet_id 
_struct_sheet_order.range_id_1 
_struct_sheet_order.range_id_2 
_struct_sheet_order.offset 
_struct_sheet_order.sense 
AA1 1 2 ? anti-parallel 
AA1 2 3 ? anti-parallel 
AA1 3 4 ? anti-parallel 
AA1 4 5 ? anti-parallel 
# 
loop_
_struct_sheet_range.sheet_id 
_struct_sheet_range.id 
_struct_sheet_range.beg_label_comp_id 
_struct_sheet_range.beg_label_asym_id 
_struct_sheet_range.beg_label_seq_id 
_struct_sheet_range.pdbx_beg_PDB_ins_code 
_struct_sheet_range.end_label_comp_id 
_struct_sheet_range.end_label_asym_id 
_struct_sheet_range.end_label_seq_id 
_struct_sheet_range.pdbx_end_PDB_ins_code 
_struct_sheet_range.beg_auth_comp_id 
_struct_sheet_range.beg_auth_asym_id 
_struct_sheet_range.beg_auth_seq_id 
_struct_sheet_range.end_auth_comp_id 
_struct_sheet_range.end_auth_asym_id 
_struct_sheet_range.end_auth_seq_id 
AA1 1 LYS A 50 ? PRO A 55 ? LYS A 153 PRO A 158 
AA1 2 TRP A 42 ? LEU A 47 ? TRP A 145 LEU A 150 
AA1 3 ILE A 31 ? GLU A 39 ? ILE A 134 GLU A 142 
AA1 4 GLN A 9  ? VAL A 12 ? GLN A 112 VAL A 115 
AA1 5 VAL A 59 ? GLU A 61 ? VAL A 162 GLU A 164 
# 
loop_
_pdbx_struct_sheet_hbond.sheet_id 
_pdbx_struct_sheet_hbond.range_id_1 
_pdbx_struct_sheet_hbond.range_id_2 
_pdbx_struct_sheet_hbond.range_1_label_atom_id 
_pdbx_struct_sheet_hbond.range_1_label_comp_id 
_pdbx_struct_sheet_hbond.range_1_label_asym_id 
_pdbx_struct_sheet_hbond.range_1_label_seq_id 
_pdbx_struct_sheet_hbond.range_1_PDB_ins_code 
_pdbx_struct_sheet_hbond.range_1_auth_atom_id 
_pdbx_struct_sheet_hbond.range_1_auth_comp_id 
_pdbx_struct_sheet_hbond.range_1_auth_asym_id 
_pdbx_struct_sheet_hbond.range_1_auth_seq_id 
_pdbx_struct_sheet_hbond.range_2_label_atom_id 
_pdbx_struct_sheet_hbond.range_2_label_comp_id 
_pdbx_struct_sheet_hbond.range_2_label_asym_id 
_pdbx_struct_sheet_hbond.range_2_label_seq_id 
_pdbx_struct_sheet_hbond.range_2_PDB_ins_code 
_pdbx_struct_sheet_hbond.range_2_auth_atom_id 
_pdbx_struct_sheet_hbond.range_2_auth_comp_id 
_pdbx_struct_sheet_hbond.range_2_auth_asym_id 
_pdbx_struct_sheet_hbond.range_2_auth_seq_id 
AA1 1 2 O PHE A 54 ? O PHE A 157 N TRP A 43 ? N TRP A 146 
AA1 2 3 O SER A 44 ? O SER A 147 N GLU A 36 ? N GLU A 139 
AA1 3 4 O ILE A 32 ? O ILE A 135 N CYS A 10 ? N CYS A 113 
AA1 4 5 N LYS A 11 ? N LYS A 114 O LYS A 60 ? O LYS A 163 
# 
_pdbx_validate_close_contact.id               1 
_pdbx_validate_close_contact.PDB_model_num    1 
_pdbx_validate_close_contact.auth_atom_id_1   O 
_pdbx_validate_close_contact.auth_asym_id_1   A 
_pdbx_validate_close_contact.auth_comp_id_1   HOH 
_pdbx_validate_close_contact.auth_seq_id_1    220 
_pdbx_validate_close_contact.PDB_ins_code_1   ? 
_pdbx_validate_close_contact.label_alt_id_1   ? 
_pdbx_validate_close_contact.auth_atom_id_2   O 
_pdbx_validate_close_contact.auth_asym_id_2   A 
_pdbx_validate_close_contact.auth_comp_id_2   HOH 
_pdbx_validate_close_contact.auth_seq_id_2    254 
_pdbx_validate_close_contact.PDB_ins_code_2   ? 
_pdbx_validate_close_contact.label_alt_id_2   ? 
_pdbx_validate_close_contact.dist             2.18 
# 
_pdbx_validate_rmsd_bond.id                        1 
_pdbx_validate_rmsd_bond.PDB_model_num             1 
_pdbx_validate_rmsd_bond.auth_atom_id_1            CG 
_pdbx_validate_rmsd_bond.auth_asym_id_1            A 
_pdbx_validate_rmsd_bond.auth_comp_id_1            GLU 
_pdbx_validate_rmsd_bond.auth_seq_id_1             139 
_pdbx_validate_rmsd_bond.PDB_ins_code_1            ? 
_pdbx_validate_rmsd_bond.label_alt_id_1            ? 
_pdbx_validate_rmsd_bond.auth_atom_id_2            CD 
_pdbx_validate_rmsd_bond.auth_asym_id_2            A 
_pdbx_validate_rmsd_bond.auth_comp_id_2            GLU 
_pdbx_validate_rmsd_bond.auth_seq_id_2             139 
_pdbx_validate_rmsd_bond.PDB_ins_code_2            ? 
_pdbx_validate_rmsd_bond.label_alt_id_2            ? 
_pdbx_validate_rmsd_bond.bond_value                1.609 
_pdbx_validate_rmsd_bond.bond_target_value         1.515 
_pdbx_validate_rmsd_bond.bond_deviation            0.094 
_pdbx_validate_rmsd_bond.bond_standard_deviation   0.015 
_pdbx_validate_rmsd_bond.linker_flag               N 
# 
loop_
_pdbx_validate_rmsd_angle.id 
_pdbx_validate_rmsd_angle.PDB_model_num 
_pdbx_validate_rmsd_angle.auth_atom_id_1 
_pdbx_validate_rmsd_angle.auth_asym_id_1 
_pdbx_validate_rmsd_angle.auth_comp_id_1 
_pdbx_validate_rmsd_angle.auth_seq_id_1 
_pdbx_validate_rmsd_angle.PDB_ins_code_1 
_pdbx_validate_rmsd_angle.label_alt_id_1 
_pdbx_validate_rmsd_angle.auth_atom_id_2 
_pdbx_validate_rmsd_angle.auth_asym_id_2 
_pdbx_validate_rmsd_angle.auth_comp_id_2 
_pdbx_validate_rmsd_angle.auth_seq_id_2 
_pdbx_validate_rmsd_angle.PDB_ins_code_2 
_pdbx_validate_rmsd_angle.label_alt_id_2 
_pdbx_validate_rmsd_angle.auth_atom_id_3 
_pdbx_validate_rmsd_angle.auth_asym_id_3 
_pdbx_validate_rmsd_angle.auth_comp_id_3 
_pdbx_validate_rmsd_angle.auth_seq_id_3 
_pdbx_validate_rmsd_angle.PDB_ins_code_3 
_pdbx_validate_rmsd_angle.label_alt_id_3 
_pdbx_validate_rmsd_angle.angle_value 
_pdbx_validate_rmsd_angle.angle_target_value 
_pdbx_validate_rmsd_angle.angle_deviation 
_pdbx_validate_rmsd_angle.angle_standard_deviation 
_pdbx_validate_rmsd_angle.linker_flag 
1 1 NE A ARG 111 ? B CZ A ARG 111 ? B NH2 A ARG 111 ? B 116.80 120.30 -3.50 0.50 N 
2 1 CB A ASP 125 ? ? CG A ASP 125 ? ? OD2 A ASP 125 ? ? 112.19 118.30 -6.11 0.90 N 
# 
_pdbx_validate_torsion.id              1 
_pdbx_validate_torsion.PDB_model_num   1 
_pdbx_validate_torsion.auth_comp_id    ASN 
_pdbx_validate_torsion.auth_asym_id    A 
_pdbx_validate_torsion.auth_seq_id     138 
_pdbx_validate_torsion.PDB_ins_code    ? 
_pdbx_validate_torsion.label_alt_id    ? 
_pdbx_validate_torsion.phi             -94.76 
_pdbx_validate_torsion.psi             -70.87 
# 
loop_
_pdbx_unobs_or_zero_occ_residues.id 
_pdbx_unobs_or_zero_occ_residues.PDB_model_num 
_pdbx_unobs_or_zero_occ_residues.polymer_flag 
_pdbx_unobs_or_zero_occ_residues.occupancy_flag 
_pdbx_unobs_or_zero_occ_residues.auth_asym_id 
_pdbx_unobs_or_zero_occ_residues.auth_comp_id 
_pdbx_unobs_or_zero_occ_residues.auth_seq_id 
_pdbx_unobs_or_zero_occ_residues.PDB_ins_code 
_pdbx_unobs_or_zero_occ_residues.label_asym_id 
_pdbx_unobs_or_zero_occ_residues.label_comp_id 
_pdbx_unobs_or_zero_occ_residues.label_seq_id 
1 1 Y 1 A GLY 104 ? A GLY 1  
2 1 Y 1 A PRO 105 ? A PRO 2  
3 1 Y 1 A LEU 106 ? A LEU 3  
4 1 Y 1 A GLY 107 ? A GLY 4  
5 1 Y 1 A SER 108 ? A SER 5  
6 1 Y 1 B ARG 76  ? B ARG 1  
7 1 Y 1 B SER 91  ? B SER 16 
# 
loop_
_chem_comp_atom.comp_id 
_chem_comp_atom.atom_id 
_chem_comp_atom.type_symbol 
_chem_comp_atom.pdbx_aromatic_flag 
_chem_comp_atom.pdbx_stereo_config 
_chem_comp_atom.pdbx_ordinal 
ARG N    N N N 1   
ARG CA   C N S 2   
ARG C    C N N 3   
ARG O    O N N 4   
ARG CB   C N N 5   
ARG CG   C N N 6   
ARG CD   C N N 7   
ARG NE   N N N 8   
ARG CZ   C N N 9   
ARG NH1  N N N 10  
ARG NH2  N N N 11  
ARG OXT  O N N 12  
ARG H    H N N 13  
ARG H2   H N N 14  
ARG HA   H N N 15  
ARG HB2  H N N 16  
ARG HB3  H N N 17  
ARG HG2  H N N 18  
ARG HG3  H N N 19  
ARG HD2  H N N 20  
ARG HD3  H N N 21  
ARG HE   H N N 22  
ARG HH11 H N N 23  
ARG HH12 H N N 24  
ARG HH21 H N N 25  
ARG HH22 H N N 26  
ARG HXT  H N N 27  
ASN N    N N N 28  
ASN CA   C N S 29  
ASN C    C N N 30  
ASN O    O N N 31  
ASN CB   C N N 32  
ASN CG   C N N 33  
ASN OD1  O N N 34  
ASN ND2  N N N 35  
ASN OXT  O N N 36  
ASN H    H N N 37  
ASN H2   H N N 38  
ASN HA   H N N 39  
ASN HB2  H N N 40  
ASN HB3  H N N 41  
ASN HD21 H N N 42  
ASN HD22 H N N 43  
ASN HXT  H N N 44  
ASP N    N N N 45  
ASP CA   C N S 46  
ASP C    C N N 47  
ASP O    O N N 48  
ASP CB   C N N 49  
ASP CG   C N N 50  
ASP OD1  O N N 51  
ASP OD2  O N N 52  
ASP OXT  O N N 53  
ASP H    H N N 54  
ASP H2   H N N 55  
ASP HA   H N N 56  
ASP HB2  H N N 57  
ASP HB3  H N N 58  
ASP HD2  H N N 59  
ASP HXT  H N N 60  
CYS N    N N N 61  
CYS CA   C N R 62  
CYS C    C N N 63  
CYS O    O N N 64  
CYS CB   C N N 65  
CYS SG   S N N 66  
CYS OXT  O N N 67  
CYS H    H N N 68  
CYS H2   H N N 69  
CYS HA   H N N 70  
CYS HB2  H N N 71  
CYS HB3  H N N 72  
CYS HG   H N N 73  
CYS HXT  H N N 74  
GLN N    N N N 75  
GLN CA   C N S 76  
GLN C    C N N 77  
GLN O    O N N 78  
GLN CB   C N N 79  
GLN CG   C N N 80  
GLN CD   C N N 81  
GLN OE1  O N N 82  
GLN NE2  N N N 83  
GLN OXT  O N N 84  
GLN H    H N N 85  
GLN H2   H N N 86  
GLN HA   H N N 87  
GLN HB2  H N N 88  
GLN HB3  H N N 89  
GLN HG2  H N N 90  
GLN HG3  H N N 91  
GLN HE21 H N N 92  
GLN HE22 H N N 93  
GLN HXT  H N N 94  
GLU N    N N N 95  
GLU CA   C N S 96  
GLU C    C N N 97  
GLU O    O N N 98  
GLU CB   C N N 99  
GLU CG   C N N 100 
GLU CD   C N N 101 
GLU OE1  O N N 102 
GLU OE2  O N N 103 
GLU OXT  O N N 104 
GLU H    H N N 105 
GLU H2   H N N 106 
GLU HA   H N N 107 
GLU HB2  H N N 108 
GLU HB3  H N N 109 
GLU HG2  H N N 110 
GLU HG3  H N N 111 
GLU HE2  H N N 112 
GLU HXT  H N N 113 
GLY N    N N N 114 
GLY CA   C N N 115 
GLY C    C N N 116 
GLY O    O N N 117 
GLY OXT  O N N 118 
GLY H    H N N 119 
GLY H2   H N N 120 
GLY HA2  H N N 121 
GLY HA3  H N N 122 
GLY HXT  H N N 123 
HIS N    N N N 124 
HIS CA   C N S 125 
HIS C    C N N 126 
HIS O    O N N 127 
HIS CB   C N N 128 
HIS CG   C Y N 129 
HIS ND1  N Y N 130 
HIS CD2  C Y N 131 
HIS CE1  C Y N 132 
HIS NE2  N Y N 133 
HIS OXT  O N N 134 
HIS H    H N N 135 
HIS H2   H N N 136 
HIS HA   H N N 137 
HIS HB2  H N N 138 
HIS HB3  H N N 139 
HIS HD1  H N N 140 
HIS HD2  H N N 141 
HIS HE1  H N N 142 
HIS HE2  H N N 143 
HIS HXT  H N N 144 
HOH O    O N N 145 
HOH H1   H N N 146 
HOH H2   H N N 147 
ILE N    N N N 148 
ILE CA   C N S 149 
ILE C    C N N 150 
ILE O    O N N 151 
ILE CB   C N S 152 
ILE CG1  C N N 153 
ILE CG2  C N N 154 
ILE CD1  C N N 155 
ILE OXT  O N N 156 
ILE H    H N N 157 
ILE H2   H N N 158 
ILE HA   H N N 159 
ILE HB   H N N 160 
ILE HG12 H N N 161 
ILE HG13 H N N 162 
ILE HG21 H N N 163 
ILE HG22 H N N 164 
ILE HG23 H N N 165 
ILE HD11 H N N 166 
ILE HD12 H N N 167 
ILE HD13 H N N 168 
ILE HXT  H N N 169 
LEU N    N N N 170 
LEU CA   C N S 171 
LEU C    C N N 172 
LEU O    O N N 173 
LEU CB   C N N 174 
LEU CG   C N N 175 
LEU CD1  C N N 176 
LEU CD2  C N N 177 
LEU OXT  O N N 178 
LEU H    H N N 179 
LEU H2   H N N 180 
LEU HA   H N N 181 
LEU HB2  H N N 182 
LEU HB3  H N N 183 
LEU HG   H N N 184 
LEU HD11 H N N 185 
LEU HD12 H N N 186 
LEU HD13 H N N 187 
LEU HD21 H N N 188 
LEU HD22 H N N 189 
LEU HD23 H N N 190 
LEU HXT  H N N 191 
LYS N    N N N 192 
LYS CA   C N S 193 
LYS C    C N N 194 
LYS O    O N N 195 
LYS CB   C N N 196 
LYS CG   C N N 197 
LYS CD   C N N 198 
LYS CE   C N N 199 
LYS NZ   N N N 200 
LYS OXT  O N N 201 
LYS H    H N N 202 
LYS H2   H N N 203 
LYS HA   H N N 204 
LYS HB2  H N N 205 
LYS HB3  H N N 206 
LYS HG2  H N N 207 
LYS HG3  H N N 208 
LYS HD2  H N N 209 
LYS HD3  H N N 210 
LYS HE2  H N N 211 
LYS HE3  H N N 212 
LYS HZ1  H N N 213 
LYS HZ2  H N N 214 
LYS HZ3  H N N 215 
LYS HXT  H N N 216 
MET N    N N N 217 
MET CA   C N S 218 
MET C    C N N 219 
MET O    O N N 220 
MET CB   C N N 221 
MET CG   C N N 222 
MET SD   S N N 223 
MET CE   C N N 224 
MET OXT  O N N 225 
MET H    H N N 226 
MET H2   H N N 227 
MET HA   H N N 228 
MET HB2  H N N 229 
MET HB3  H N N 230 
MET HG2  H N N 231 
MET HG3  H N N 232 
MET HE1  H N N 233 
MET HE2  H N N 234 
MET HE3  H N N 235 
MET HXT  H N N 236 
PHE N    N N N 237 
PHE CA   C N S 238 
PHE C    C N N 239 
PHE O    O N N 240 
PHE CB   C N N 241 
PHE CG   C Y N 242 
PHE CD1  C Y N 243 
PHE CD2  C Y N 244 
PHE CE1  C Y N 245 
PHE CE2  C Y N 246 
PHE CZ   C Y N 247 
PHE OXT  O N N 248 
PHE H    H N N 249 
PHE H2   H N N 250 
PHE HA   H N N 251 
PHE HB2  H N N 252 
PHE HB3  H N N 253 
PHE HD1  H N N 254 
PHE HD2  H N N 255 
PHE HE1  H N N 256 
PHE HE2  H N N 257 
PHE HZ   H N N 258 
PHE HXT  H N N 259 
PRO N    N N N 260 
PRO CA   C N S 261 
PRO C    C N N 262 
PRO O    O N N 263 
PRO CB   C N N 264 
PRO CG   C N N 265 
PRO CD   C N N 266 
PRO OXT  O N N 267 
PRO H    H N N 268 
PRO HA   H N N 269 
PRO HB2  H N N 270 
PRO HB3  H N N 271 
PRO HG2  H N N 272 
PRO HG3  H N N 273 
PRO HD2  H N N 274 
PRO HD3  H N N 275 
PRO HXT  H N N 276 
SER N    N N N 277 
SER CA   C N S 278 
SER C    C N N 279 
SER O    O N N 280 
SER CB   C N N 281 
SER OG   O N N 282 
SER OXT  O N N 283 
SER H    H N N 284 
SER H2   H N N 285 
SER HA   H N N 286 
SER HB2  H N N 287 
SER HB3  H N N 288 
SER HG   H N N 289 
SER HXT  H N N 290 
THR N    N N N 291 
THR CA   C N S 292 
THR C    C N N 293 
THR O    O N N 294 
THR CB   C N R 295 
THR OG1  O N N 296 
THR CG2  C N N 297 
THR OXT  O N N 298 
THR H    H N N 299 
THR H2   H N N 300 
THR HA   H N N 301 
THR HB   H N N 302 
THR HG1  H N N 303 
THR HG21 H N N 304 
THR HG22 H N N 305 
THR HG23 H N N 306 
THR HXT  H N N 307 
TRP N    N N N 308 
TRP CA   C N S 309 
TRP C    C N N 310 
TRP O    O N N 311 
TRP CB   C N N 312 
TRP CG   C Y N 313 
TRP CD1  C Y N 314 
TRP CD2  C Y N 315 
TRP NE1  N Y N 316 
TRP CE2  C Y N 317 
TRP CE3  C Y N 318 
TRP CZ2  C Y N 319 
TRP CZ3  C Y N 320 
TRP CH2  C Y N 321 
TRP OXT  O N N 322 
TRP H    H N N 323 
TRP H2   H N N 324 
TRP HA   H N N 325 
TRP HB2  H N N 326 
TRP HB3  H N N 327 
TRP HD1  H N N 328 
TRP HE1  H N N 329 
TRP HE3  H N N 330 
TRP HZ2  H N N 331 
TRP HZ3  H N N 332 
TRP HH2  H N N 333 
TRP HXT  H N N 334 
TYR N    N N N 335 
TYR CA   C N S 336 
TYR C    C N N 337 
TYR O    O N N 338 
TYR CB   C N N 339 
TYR CG   C Y N 340 
TYR CD1  C Y N 341 
TYR CD2  C Y N 342 
TYR CE1  C Y N 343 
TYR CE2  C Y N 344 
TYR CZ   C Y N 345 
TYR OH   O N N 346 
TYR OXT  O N N 347 
TYR H    H N N 348 
TYR H2   H N N 349 
TYR HA   H N N 350 
TYR HB2  H N N 351 
TYR HB3  H N N 352 
TYR HD1  H N N 353 
TYR HD2  H N N 354 
TYR HE1  H N N 355 
TYR HE2  H N N 356 
TYR HH   H N N 357 
TYR HXT  H N N 358 
VAL N    N N N 359 
VAL CA   C N S 360 
VAL C    C N N 361 
VAL O    O N N 362 
VAL CB   C N N 363 
VAL CG1  C N N 364 
VAL CG2  C N N 365 
VAL OXT  O N N 366 
VAL H    H N N 367 
VAL H2   H N N 368 
VAL HA   H N N 369 
VAL HB   H N N 370 
VAL HG11 H N N 371 
VAL HG12 H N N 372 
VAL HG13 H N N 373 
VAL HG21 H N N 374 
VAL HG22 H N N 375 
VAL HG23 H N N 376 
VAL HXT  H N N 377 
# 
loop_
_chem_comp_bond.comp_id 
_chem_comp_bond.atom_id_1 
_chem_comp_bond.atom_id_2 
_chem_comp_bond.value_order 
_chem_comp_bond.pdbx_aromatic_flag 
_chem_comp_bond.pdbx_stereo_config 
_chem_comp_bond.pdbx_ordinal 
ARG N   CA   sing N N 1   
ARG N   H    sing N N 2   
ARG N   H2   sing N N 3   
ARG CA  C    sing N N 4   
ARG CA  CB   sing N N 5   
ARG CA  HA   sing N N 6   
ARG C   O    doub N N 7   
ARG C   OXT  sing N N 8   
ARG CB  CG   sing N N 9   
ARG CB  HB2  sing N N 10  
ARG CB  HB3  sing N N 11  
ARG CG  CD   sing N N 12  
ARG CG  HG2  sing N N 13  
ARG CG  HG3  sing N N 14  
ARG CD  NE   sing N N 15  
ARG CD  HD2  sing N N 16  
ARG CD  HD3  sing N N 17  
ARG NE  CZ   sing N N 18  
ARG NE  HE   sing N N 19  
ARG CZ  NH1  sing N N 20  
ARG CZ  NH2  doub N N 21  
ARG NH1 HH11 sing N N 22  
ARG NH1 HH12 sing N N 23  
ARG NH2 HH21 sing N N 24  
ARG NH2 HH22 sing N N 25  
ARG OXT HXT  sing N N 26  
ASN N   CA   sing N N 27  
ASN N   H    sing N N 28  
ASN N   H2   sing N N 29  
ASN CA  C    sing N N 30  
ASN CA  CB   sing N N 31  
ASN CA  HA   sing N N 32  
ASN C   O    doub N N 33  
ASN C   OXT  sing N N 34  
ASN CB  CG   sing N N 35  
ASN CB  HB2  sing N N 36  
ASN CB  HB3  sing N N 37  
ASN CG  OD1  doub N N 38  
ASN CG  ND2  sing N N 39  
ASN ND2 HD21 sing N N 40  
ASN ND2 HD22 sing N N 41  
ASN OXT HXT  sing N N 42  
ASP N   CA   sing N N 43  
ASP N   H    sing N N 44  
ASP N   H2   sing N N 45  
ASP CA  C    sing N N 46  
ASP CA  CB   sing N N 47  
ASP CA  HA   sing N N 48  
ASP C   O    doub N N 49  
ASP C   OXT  sing N N 50  
ASP CB  CG   sing N N 51  
ASP CB  HB2  sing N N 52  
ASP CB  HB3  sing N N 53  
ASP CG  OD1  doub N N 54  
ASP CG  OD2  sing N N 55  
ASP OD2 HD2  sing N N 56  
ASP OXT HXT  sing N N 57  
CYS N   CA   sing N N 58  
CYS N   H    sing N N 59  
CYS N   H2   sing N N 60  
CYS CA  C    sing N N 61  
CYS CA  CB   sing N N 62  
CYS CA  HA   sing N N 63  
CYS C   O    doub N N 64  
CYS C   OXT  sing N N 65  
CYS CB  SG   sing N N 66  
CYS CB  HB2  sing N N 67  
CYS CB  HB3  sing N N 68  
CYS SG  HG   sing N N 69  
CYS OXT HXT  sing N N 70  
GLN N   CA   sing N N 71  
GLN N   H    sing N N 72  
GLN N   H2   sing N N 73  
GLN CA  C    sing N N 74  
GLN CA  CB   sing N N 75  
GLN CA  HA   sing N N 76  
GLN C   O    doub N N 77  
GLN C   OXT  sing N N 78  
GLN CB  CG   sing N N 79  
GLN CB  HB2  sing N N 80  
GLN CB  HB3  sing N N 81  
GLN CG  CD   sing N N 82  
GLN CG  HG2  sing N N 83  
GLN CG  HG3  sing N N 84  
GLN CD  OE1  doub N N 85  
GLN CD  NE2  sing N N 86  
GLN NE2 HE21 sing N N 87  
GLN NE2 HE22 sing N N 88  
GLN OXT HXT  sing N N 89  
GLU N   CA   sing N N 90  
GLU N   H    sing N N 91  
GLU N   H2   sing N N 92  
GLU CA  C    sing N N 93  
GLU CA  CB   sing N N 94  
GLU CA  HA   sing N N 95  
GLU C   O    doub N N 96  
GLU C   OXT  sing N N 97  
GLU CB  CG   sing N N 98  
GLU CB  HB2  sing N N 99  
GLU CB  HB3  sing N N 100 
GLU CG  CD   sing N N 101 
GLU CG  HG2  sing N N 102 
GLU CG  HG3  sing N N 103 
GLU CD  OE1  doub N N 104 
GLU CD  OE2  sing N N 105 
GLU OE2 HE2  sing N N 106 
GLU OXT HXT  sing N N 107 
GLY N   CA   sing N N 108 
GLY N   H    sing N N 109 
GLY N   H2   sing N N 110 
GLY CA  C    sing N N 111 
GLY CA  HA2  sing N N 112 
GLY CA  HA3  sing N N 113 
GLY C   O    doub N N 114 
GLY C   OXT  sing N N 115 
GLY OXT HXT  sing N N 116 
HIS N   CA   sing N N 117 
HIS N   H    sing N N 118 
HIS N   H2   sing N N 119 
HIS CA  C    sing N N 120 
HIS CA  CB   sing N N 121 
HIS CA  HA   sing N N 122 
HIS C   O    doub N N 123 
HIS C   OXT  sing N N 124 
HIS CB  CG   sing N N 125 
HIS CB  HB2  sing N N 126 
HIS CB  HB3  sing N N 127 
HIS CG  ND1  sing Y N 128 
HIS CG  CD2  doub Y N 129 
HIS ND1 CE1  doub Y N 130 
HIS ND1 HD1  sing N N 131 
HIS CD2 NE2  sing Y N 132 
HIS CD2 HD2  sing N N 133 
HIS CE1 NE2  sing Y N 134 
HIS CE1 HE1  sing N N 135 
HIS NE2 HE2  sing N N 136 
HIS OXT HXT  sing N N 137 
HOH O   H1   sing N N 138 
HOH O   H2   sing N N 139 
ILE N   CA   sing N N 140 
ILE N   H    sing N N 141 
ILE N   H2   sing N N 142 
ILE CA  C    sing N N 143 
ILE CA  CB   sing N N 144 
ILE CA  HA   sing N N 145 
ILE C   O    doub N N 146 
ILE C   OXT  sing N N 147 
ILE CB  CG1  sing N N 148 
ILE CB  CG2  sing N N 149 
ILE CB  HB   sing N N 150 
ILE CG1 CD1  sing N N 151 
ILE CG1 HG12 sing N N 152 
ILE CG1 HG13 sing N N 153 
ILE CG2 HG21 sing N N 154 
ILE CG2 HG22 sing N N 155 
ILE CG2 HG23 sing N N 156 
ILE CD1 HD11 sing N N 157 
ILE CD1 HD12 sing N N 158 
ILE CD1 HD13 sing N N 159 
ILE OXT HXT  sing N N 160 
LEU N   CA   sing N N 161 
LEU N   H    sing N N 162 
LEU N   H2   sing N N 163 
LEU CA  C    sing N N 164 
LEU CA  CB   sing N N 165 
LEU CA  HA   sing N N 166 
LEU C   O    doub N N 167 
LEU C   OXT  sing N N 168 
LEU CB  CG   sing N N 169 
LEU CB  HB2  sing N N 170 
LEU CB  HB3  sing N N 171 
LEU CG  CD1  sing N N 172 
LEU CG  CD2  sing N N 173 
LEU CG  HG   sing N N 174 
LEU CD1 HD11 sing N N 175 
LEU CD1 HD12 sing N N 176 
LEU CD1 HD13 sing N N 177 
LEU CD2 HD21 sing N N 178 
LEU CD2 HD22 sing N N 179 
LEU CD2 HD23 sing N N 180 
LEU OXT HXT  sing N N 181 
LYS N   CA   sing N N 182 
LYS N   H    sing N N 183 
LYS N   H2   sing N N 184 
LYS CA  C    sing N N 185 
LYS CA  CB   sing N N 186 
LYS CA  HA   sing N N 187 
LYS C   O    doub N N 188 
LYS C   OXT  sing N N 189 
LYS CB  CG   sing N N 190 
LYS CB  HB2  sing N N 191 
LYS CB  HB3  sing N N 192 
LYS CG  CD   sing N N 193 
LYS CG  HG2  sing N N 194 
LYS CG  HG3  sing N N 195 
LYS CD  CE   sing N N 196 
LYS CD  HD2  sing N N 197 
LYS CD  HD3  sing N N 198 
LYS CE  NZ   sing N N 199 
LYS CE  HE2  sing N N 200 
LYS CE  HE3  sing N N 201 
LYS NZ  HZ1  sing N N 202 
LYS NZ  HZ2  sing N N 203 
LYS NZ  HZ3  sing N N 204 
LYS OXT HXT  sing N N 205 
MET N   CA   sing N N 206 
MET N   H    sing N N 207 
MET N   H2   sing N N 208 
MET CA  C    sing N N 209 
MET CA  CB   sing N N 210 
MET CA  HA   sing N N 211 
MET C   O    doub N N 212 
MET C   OXT  sing N N 213 
MET CB  CG   sing N N 214 
MET CB  HB2  sing N N 215 
MET CB  HB3  sing N N 216 
MET CG  SD   sing N N 217 
MET CG  HG2  sing N N 218 
MET CG  HG3  sing N N 219 
MET SD  CE   sing N N 220 
MET CE  HE1  sing N N 221 
MET CE  HE2  sing N N 222 
MET CE  HE3  sing N N 223 
MET OXT HXT  sing N N 224 
PHE N   CA   sing N N 225 
PHE N   H    sing N N 226 
PHE N   H2   sing N N 227 
PHE CA  C    sing N N 228 
PHE CA  CB   sing N N 229 
PHE CA  HA   sing N N 230 
PHE C   O    doub N N 231 
PHE C   OXT  sing N N 232 
PHE CB  CG   sing N N 233 
PHE CB  HB2  sing N N 234 
PHE CB  HB3  sing N N 235 
PHE CG  CD1  doub Y N 236 
PHE CG  CD2  sing Y N 237 
PHE CD1 CE1  sing Y N 238 
PHE CD1 HD1  sing N N 239 
PHE CD2 CE2  doub Y N 240 
PHE CD2 HD2  sing N N 241 
PHE CE1 CZ   doub Y N 242 
PHE CE1 HE1  sing N N 243 
PHE CE2 CZ   sing Y N 244 
PHE CE2 HE2  sing N N 245 
PHE CZ  HZ   sing N N 246 
PHE OXT HXT  sing N N 247 
PRO N   CA   sing N N 248 
PRO N   CD   sing N N 249 
PRO N   H    sing N N 250 
PRO CA  C    sing N N 251 
PRO CA  CB   sing N N 252 
PRO CA  HA   sing N N 253 
PRO C   O    doub N N 254 
PRO C   OXT  sing N N 255 
PRO CB  CG   sing N N 256 
PRO CB  HB2  sing N N 257 
PRO CB  HB3  sing N N 258 
PRO CG  CD   sing N N 259 
PRO CG  HG2  sing N N 260 
PRO CG  HG3  sing N N 261 
PRO CD  HD2  sing N N 262 
PRO CD  HD3  sing N N 263 
PRO OXT HXT  sing N N 264 
SER N   CA   sing N N 265 
SER N   H    sing N N 266 
SER N   H2   sing N N 267 
SER CA  C    sing N N 268 
SER CA  CB   sing N N 269 
SER CA  HA   sing N N 270 
SER C   O    doub N N 271 
SER C   OXT  sing N N 272 
SER CB  OG   sing N N 273 
SER CB  HB2  sing N N 274 
SER CB  HB3  sing N N 275 
SER OG  HG   sing N N 276 
SER OXT HXT  sing N N 277 
THR N   CA   sing N N 278 
THR N   H    sing N N 279 
THR N   H2   sing N N 280 
THR CA  C    sing N N 281 
THR CA  CB   sing N N 282 
THR CA  HA   sing N N 283 
THR C   O    doub N N 284 
THR C   OXT  sing N N 285 
THR CB  OG1  sing N N 286 
THR CB  CG2  sing N N 287 
THR CB  HB   sing N N 288 
THR OG1 HG1  sing N N 289 
THR CG2 HG21 sing N N 290 
THR CG2 HG22 sing N N 291 
THR CG2 HG23 sing N N 292 
THR OXT HXT  sing N N 293 
TRP N   CA   sing N N 294 
TRP N   H    sing N N 295 
TRP N   H2   sing N N 296 
TRP CA  C    sing N N 297 
TRP CA  CB   sing N N 298 
TRP CA  HA   sing N N 299 
TRP C   O    doub N N 300 
TRP C   OXT  sing N N 301 
TRP CB  CG   sing N N 302 
TRP CB  HB2  sing N N 303 
TRP CB  HB3  sing N N 304 
TRP CG  CD1  doub Y N 305 
TRP CG  CD2  sing Y N 306 
TRP CD1 NE1  sing Y N 307 
TRP CD1 HD1  sing N N 308 
TRP CD2 CE2  doub Y N 309 
TRP CD2 CE3  sing Y N 310 
TRP NE1 CE2  sing Y N 311 
TRP NE1 HE1  sing N N 312 
TRP CE2 CZ2  sing Y N 313 
TRP CE3 CZ3  doub Y N 314 
TRP CE3 HE3  sing N N 315 
TRP CZ2 CH2  doub Y N 316 
TRP CZ2 HZ2  sing N N 317 
TRP CZ3 CH2  sing Y N 318 
TRP CZ3 HZ3  sing N N 319 
TRP CH2 HH2  sing N N 320 
TRP OXT HXT  sing N N 321 
TYR N   CA   sing N N 322 
TYR N   H    sing N N 323 
TYR N   H2   sing N N 324 
TYR CA  C    sing N N 325 
TYR CA  CB   sing N N 326 
TYR CA  HA   sing N N 327 
TYR C   O    doub N N 328 
TYR C   OXT  sing N N 329 
TYR CB  CG   sing N N 330 
TYR CB  HB2  sing N N 331 
TYR CB  HB3  sing N N 332 
TYR CG  CD1  doub Y N 333 
TYR CG  CD2  sing Y N 334 
TYR CD1 CE1  sing Y N 335 
TYR CD1 HD1  sing N N 336 
TYR CD2 CE2  doub Y N 337 
TYR CD2 HD2  sing N N 338 
TYR CE1 CZ   doub Y N 339 
TYR CE1 HE1  sing N N 340 
TYR CE2 CZ   sing Y N 341 
TYR CE2 HE2  sing N N 342 
TYR CZ  OH   sing N N 343 
TYR OH  HH   sing N N 344 
TYR OXT HXT  sing N N 345 
VAL N   CA   sing N N 346 
VAL N   H    sing N N 347 
VAL N   H2   sing N N 348 
VAL CA  C    sing N N 349 
VAL CA  CB   sing N N 350 
VAL CA  HA   sing N N 351 
VAL C   O    doub N N 352 
VAL C   OXT  sing N N 353 
VAL CB  CG1  sing N N 354 
VAL CB  CG2  sing N N 355 
VAL CB  HB   sing N N 356 
VAL CG1 HG11 sing N N 357 
VAL CG1 HG12 sing N N 358 
VAL CG1 HG13 sing N N 359 
VAL CG2 HG21 sing N N 360 
VAL CG2 HG22 sing N N 361 
VAL CG2 HG23 sing N N 362 
VAL OXT HXT  sing N N 363 
# 
_atom_sites.entry_id                    4X1V 
_atom_sites.fract_transf_matrix[1][1]   0.01804624 
_atom_sites.fract_transf_matrix[1][2]   0.01319272 
_atom_sites.fract_transf_matrix[1][3]   -0.00180434 
_atom_sites.fract_transf_matrix[2][1]   0.00272621 
_atom_sites.fract_transf_matrix[2][2]   -0.00663532 
_atom_sites.fract_transf_matrix[2][3]   -0.02124878 
_atom_sites.fract_transf_matrix[3][1]   -0.01764257 
_atom_sites.fract_transf_matrix[3][2]   0.02284780 
_atom_sites.fract_transf_matrix[3][3]   -0.00939818 
_atom_sites.fract_transf_vector[1]      0.326465 
_atom_sites.fract_transf_vector[2]      -0.108159 
_atom_sites.fract_transf_vector[3]      -0.025275 
# 
loop_
_atom_type.symbol 
C 
N 
O 
S 
# 
loop_
_atom_site.group_PDB 
_atom_site.id 
_atom_site.type_symbol 
_atom_site.label_atom_id 
_atom_site.label_alt_id 
_atom_site.label_comp_id 
_atom_site.label_asym_id 
_atom_site.label_entity_id 
_atom_site.label_seq_id 
_atom_site.pdbx_PDB_ins_code 
_atom_site.Cartn_x 
_atom_site.Cartn_y 
_atom_site.Cartn_z 
_atom_site.occupancy 
_atom_site.B_iso_or_equiv 
_atom_site.pdbx_formal_charge 
_atom_site.auth_seq_id 
_atom_site.auth_comp_id 
_atom_site.auth_asym_id 
_atom_site.auth_atom_id 
_atom_site.pdbx_PDB_model_num 
ATOM   1   C C   . LYS A 1 6  ? 9.302   -0.809  -14.269 1.00 44.92 ? 109 LYS A C   1 
ATOM   2   O O   . LYS A 1 6  ? 9.096   -1.961  -13.882 1.00 46.24 ? 109 LYS A O   1 
ATOM   3   N N   . LYS A 1 7  ? 9.051   0.230   -13.481 1.00 39.95 ? 110 LYS A N   1 
ATOM   4   C CA  . LYS A 1 7  ? 8.491   0.058   -12.113 1.00 33.93 ? 110 LYS A CA  1 
ATOM   5   C C   . LYS A 1 7  ? 6.937   -0.226  -12.104 1.00 26.55 ? 110 LYS A C   1 
ATOM   6   O O   . LYS A 1 7  ? 6.207   0.167   -13.028 1.00 32.00 ? 110 LYS A O   1 
ATOM   7   C CB  . LYS A 1 7  ? 8.837   1.298   -11.237 1.00 36.09 ? 110 LYS A CB  1 
ATOM   8   C CG  . LYS A 1 7  ? 10.073  2.114   -11.651 1.00 37.10 ? 110 LYS A CG  1 
ATOM   9   N N   . ARG A 1 8  ? 6.445   -0.885  -11.041 1.00 21.12 ? 111 ARG A N   1 
ATOM   10  C CA  A ARG A 1 8  ? 5.038   -1.073  -10.732 0.45 21.02 ? 111 ARG A CA  1 
ATOM   11  C CA  B ARG A 1 8  ? 4.995   -0.947  -10.793 0.55 19.60 ? 111 ARG A CA  1 
ATOM   12  C C   . ARG A 1 8  ? 4.692   -0.058  -9.603  1.00 17.42 ? 111 ARG A C   1 
ATOM   13  O O   . ARG A 1 8  ? 5.356   -0.066  -8.585  1.00 19.73 ? 111 ARG A O   1 
ATOM   14  C CB  A ARG A 1 8  ? 4.937   -2.538  -10.217 0.45 23.65 ? 111 ARG A CB  1 
ATOM   15  C CB  B ARG A 1 8  ? 4.478   -2.342  -10.420 0.55 21.33 ? 111 ARG A CB  1 
ATOM   16  C CG  A ARG A 1 8  ? 3.589   -3.234  -10.109 0.45 26.51 ? 111 ARG A CG  1 
ATOM   17  C CG  B ARG A 1 8  ? 4.406   -3.381  -11.493 0.55 23.17 ? 111 ARG A CG  1 
ATOM   18  C CD  A ARG A 1 8  ? 3.764   -4.777  -10.223 0.45 29.08 ? 111 ARG A CD  1 
ATOM   19  C CD  B ARG A 1 8  ? 3.764   -4.586  -10.815 0.55 29.52 ? 111 ARG A CD  1 
ATOM   20  N NE  A ARG A 1 8  ? 3.639   -5.260  -11.616 0.45 29.99 ? 111 ARG A NE  1 
ATOM   21  N NE  B ARG A 1 8  ? 4.196   -5.783  -11.468 0.55 32.15 ? 111 ARG A NE  1 
ATOM   22  C CZ  A ARG A 1 8  ? 4.471   -6.115  -12.234 0.45 32.54 ? 111 ARG A CZ  1 
ATOM   23  C CZ  B ARG A 1 8  ? 3.690   -6.223  -12.608 0.55 31.90 ? 111 ARG A CZ  1 
ATOM   24  N NH1 A ARG A 1 8  ? 5.522   -6.683  -11.600 0.45 29.12 ? 111 ARG A NH1 1 
ATOM   25  N NH1 B ARG A 1 8  ? 2.696   -5.583  -13.254 0.55 32.47 ? 111 ARG A NH1 1 
ATOM   26  N NH2 A ARG A 1 8  ? 4.223   -6.436  -13.512 0.45 37.57 ? 111 ARG A NH2 1 
ATOM   27  N NH2 B ARG A 1 8  ? 4.212   -7.335  -13.104 0.55 37.71 ? 111 ARG A NH2 1 
ATOM   28  N N   . GLN A 1 9  ? 3.733   0.873   -9.801  1.00 16.02 ? 112 GLN A N   1 
ATOM   29  C CA  . GLN A 1 9  ? 3.556   1.979   -8.798  1.00 15.35 ? 112 GLN A CA  1 
ATOM   30  C C   . GLN A 1 9  ? 2.093   2.238   -8.561  1.00 14.47 ? 112 GLN A C   1 
ATOM   31  O O   . GLN A 1 9  ? 1.248   1.871   -9.364  1.00 16.46 ? 112 GLN A O   1 
ATOM   32  C CB  . GLN A 1 9  ? 4.239   3.261   -9.348  1.00 15.31 ? 112 GLN A CB  1 
ATOM   33  C CG  . GLN A 1 9  ? 5.764   3.150   -9.588  1.00 17.76 ? 112 GLN A CG  1 
ATOM   34  C CD  . GLN A 1 9  ? 6.378   4.433   -10.111 1.00 20.77 ? 112 GLN A CD  1 
ATOM   35  O OE1 . GLN A 1 9  ? 6.149   4.784   -11.285 1.00 27.92 ? 112 GLN A OE1 1 
ATOM   36  N NE2 . GLN A 1 9  ? 7.108   5.120   -9.309  1.00 20.79 ? 112 GLN A NE2 1 
ATOM   37  N N   . CYS A 1 10 ? 1.788   2.881   -7.451  1.00 14.37 ? 113 CYS A N   1 
ATOM   38  C CA  . CYS A 1 10 ? 0.434   3.290   -7.112  1.00 13.89 ? 113 CYS A CA  1 
ATOM   39  C C   . CYS A 1 10 ? 0.429   4.621   -6.434  1.00 14.42 ? 113 CYS A C   1 
ATOM   40  O O   . CYS A 1 10 ? 1.429   5.059   -5.921  1.00 13.41 ? 113 CYS A O   1 
ATOM   41  C CB  . CYS A 1 10 ? -0.264  2.246   -6.214  1.00 14.81 ? 113 CYS A CB  1 
ATOM   42  S SG  . CYS A 1 10 ? 0.522   1.902   -4.639  1.00 15.15 ? 113 CYS A SG  1 
ATOM   43  N N   . LYS A 1 11 ? -0.721  5.255   -6.473  1.00 15.95 ? 114 LYS A N   1 
ATOM   44  C CA  . LYS A 1 11 ? -0.966  6.516   -5.812  1.00 15.37 ? 114 LYS A CA  1 
ATOM   45  C C   . LYS A 1 11 ? -1.916  6.392   -4.625  1.00 15.52 ? 114 LYS A C   1 
ATOM   46  O O   . LYS A 1 11 ? -2.969  5.712   -4.760  1.00 16.13 ? 114 LYS A O   1 
ATOM   47  C CB  . LYS A 1 11 ? -1.471  7.571   -6.810  1.00 17.09 ? 114 LYS A CB  1 
ATOM   48  C CG  . LYS A 1 11 ? -1.763  8.873   -6.173  1.00 19.69 ? 114 LYS A CG  1 
ATOM   49  C CD  . LYS A 1 11 ? -2.142  9.988   -7.139  1.00 22.94 ? 114 LYS A CD  1 
ATOM   50  C CE  . LYS A 1 11 ? -3.415  9.684   -7.885  1.00 25.95 ? 114 LYS A CE  1 
ATOM   51  N NZ  . LYS A 1 11 ? -3.636  10.792  -8.871  1.00 29.28 ? 114 LYS A NZ  1 
ATOM   52  N N   . VAL A 1 12 ? -1.581  6.973   -3.482  1.00 14.50 ? 115 VAL A N   1 
ATOM   53  C CA  . VAL A 1 12 ? -2.435  6.949   -2.292  1.00 15.02 ? 115 VAL A CA  1 
ATOM   54  C C   . VAL A 1 12 ? -3.634  7.862   -2.486  1.00 15.56 ? 115 VAL A C   1 
ATOM   55  O O   . VAL A 1 12 ? -3.506  9.061   -2.724  1.00 16.15 ? 115 VAL A O   1 
ATOM   56  C CB  . VAL A 1 12 ? -1.679  7.324   -1.036  1.00 15.47 ? 115 VAL A CB  1 
ATOM   57  C CG1 . VAL A 1 12 ? -2.570  7.422   0.209   1.00 16.76 ? 115 VAL A CG1 1 
ATOM   58  C CG2 . VAL A 1 12 ? -0.607  6.234   -0.816  1.00 15.61 ? 115 VAL A CG2 1 
ATOM   59  N N   . LEU A 1 13 ? -4.792  7.290   -2.242  1.00 17.39 ? 116 LEU A N   1 
ATOM   60  C CA  . LEU A 1 13 ? -6.080  7.975   -2.327  1.00 19.61 ? 116 LEU A CA  1 
ATOM   61  C C   . LEU A 1 13 ? -6.580  8.469   -0.995  1.00 20.94 ? 116 LEU A C   1 
ATOM   62  O O   . LEU A 1 13 ? -7.334  9.475   -0.960  1.00 21.25 ? 116 LEU A O   1 
ATOM   63  C CB  . LEU A 1 13 ? -7.095  7.045   -3.008  1.00 21.82 ? 116 LEU A CB  1 
ATOM   64  C CG  . LEU A 1 13 ? -6.781  6.358   -4.345  1.00 22.33 ? 116 LEU A CG  1 
ATOM   65  C CD1 . LEU A 1 13 ? -7.813  5.366   -4.852  1.00 26.11 ? 116 LEU A CD1 1 
ATOM   66  C CD2 . LEU A 1 13 ? -6.612  7.476   -5.356  1.00 24.47 ? 116 LEU A CD2 1 
ATOM   67  N N   . PHE A 1 14 ? -6.219  7.813   0.100   1.00 18.24 ? 117 PHE A N   1 
ATOM   68  C CA  . PHE A 1 14 ? -6.659  8.149   1.441   1.00 19.80 ? 117 PHE A CA  1 
ATOM   69  C C   . PHE A 1 14 ? -5.550  7.981   2.444   1.00 18.34 ? 117 PHE A C   1 
ATOM   70  O O   . PHE A 1 14 ? -4.773  7.022   2.342   1.00 18.33 ? 117 PHE A O   1 
ATOM   71  C CB  . PHE A 1 14 ? -7.877  7.229   1.947   1.00 21.17 ? 117 PHE A CB  1 
ATOM   72  C CG  . PHE A 1 14 ? -8.840  6.803   0.900   1.00 19.47 ? 117 PHE A CG  1 
ATOM   73  C CD1 . PHE A 1 14 ? -9.767  7.716   0.410   1.00 23.18 ? 117 PHE A CD1 1 
ATOM   74  C CD2 . PHE A 1 14 ? -8.886  5.514   0.434   1.00 21.35 ? 117 PHE A CD2 1 
ATOM   75  C CE1 . PHE A 1 14 ? -10.682 7.320   -0.545  1.00 23.86 ? 117 PHE A CE1 1 
ATOM   76  C CE2 . PHE A 1 14 ? -9.755  5.131   -0.535  1.00 25.31 ? 117 PHE A CE2 1 
ATOM   77  C CZ  . PHE A 1 14 ? -10.626 6.046   -1.063  1.00 22.66 ? 117 PHE A CZ  1 
ATOM   78  N N   . GLU A 1 15 ? -5.555  8.822   3.469   1.00 19.10 ? 118 GLU A N   1 
ATOM   79  C CA  A GLU A 1 15 ? -4.595  8.762   4.529   0.49 21.00 ? 118 GLU A CA  1 
ATOM   80  C CA  B GLU A 1 15 ? -4.605  8.773   4.530   0.51 20.52 ? 118 GLU A CA  1 
ATOM   81  C C   . GLU A 1 15 ? -4.762  7.446   5.262   1.00 20.71 ? 118 GLU A C   1 
ATOM   82  O O   . GLU A 1 15 ? -5.900  6.970   5.439   1.00 20.31 ? 118 GLU A O   1 
ATOM   83  C CB  A GLU A 1 15 ? -4.756  9.928   5.518   0.49 23.68 ? 118 GLU A CB  1 
ATOM   84  C CB  B GLU A 1 15 ? -4.792  9.970   5.484   0.51 22.75 ? 118 GLU A CB  1 
ATOM   85  C CG  A GLU A 1 15 ? -4.545  11.307  4.924   0.49 26.50 ? 118 GLU A CG  1 
ATOM   86  C CG  B GLU A 1 15 ? -3.907  9.918   6.720   0.51 23.57 ? 118 GLU A CG  1 
ATOM   87  C CD  A GLU A 1 15 ? -4.112  12.338  5.972   0.49 27.91 ? 118 GLU A CD  1 
ATOM   88  C CD  B GLU A 1 15 ? -4.136  11.047  7.741   0.51 30.23 ? 118 GLU A CD  1 
ATOM   89  O OE1 A GLU A 1 15 ? -3.940  11.986  7.168   0.49 30.79 ? 118 GLU A OE1 1 
ATOM   90  O OE1 B GLU A 1 15 ? -5.156  11.781  7.694   0.51 31.18 ? 118 GLU A OE1 1 
ATOM   91  O OE2 A GLU A 1 15 ? -3.921  13.521  5.618   0.49 30.95 ? 118 GLU A OE2 1 
ATOM   92  O OE2 B GLU A 1 15 ? -3.256  11.207  8.595   0.51 32.57 ? 118 GLU A OE2 1 
ATOM   93  N N   . TYR A 1 16 ? -3.637  6.881   5.692   1.00 19.51 ? 119 TYR A N   1 
ATOM   94  C CA  . TYR A 1 16 ? -3.556  5.680   6.502   1.00 19.15 ? 119 TYR A CA  1 
ATOM   95  C C   . TYR A 1 16 ? -2.523  5.816   7.575   1.00 21.85 ? 119 TYR A C   1 
ATOM   96  O O   . TYR A 1 16 ? -1.346  5.938   7.319   1.00 19.74 ? 119 TYR A O   1 
ATOM   97  C CB  . TYR A 1 16 ? -3.297  4.450   5.657   1.00 20.41 ? 119 TYR A CB  1 
ATOM   98  C CG  . TYR A 1 16 ? -3.320  3.181   6.457   1.00 16.64 ? 119 TYR A CG  1 
ATOM   99  C CD1 . TYR A 1 16 ? -4.546  2.677   6.971   1.00 18.21 ? 119 TYR A CD1 1 
ATOM   100 C CD2 . TYR A 1 16 ? -2.208  2.456   6.710   1.00 15.42 ? 119 TYR A CD2 1 
ATOM   101 C CE1 . TYR A 1 16 ? -4.591  1.530   7.707   1.00 15.80 ? 119 TYR A CE1 1 
ATOM   102 C CE2 . TYR A 1 16 ? -2.239  1.277   7.433   1.00 18.37 ? 119 TYR A CE2 1 
ATOM   103 C CZ  . TYR A 1 16 ? -3.485  0.846   7.959   1.00 14.66 ? 119 TYR A CZ  1 
ATOM   104 O OH  . TYR A 1 16 ? -3.449  -0.295  8.663   1.00 18.15 ? 119 TYR A OH  1 
ATOM   105 N N   . ILE A 1 17 ? -2.964  5.869   8.841   1.00 23.07 ? 120 ILE A N   1 
ATOM   106 C CA  . ILE A 1 17 ? -2.066  5.760   9.952   1.00 24.35 ? 120 ILE A CA  1 
ATOM   107 C C   . ILE A 1 17 ? -1.764  4.338   10.256  1.00 24.19 ? 120 ILE A C   1 
ATOM   108 O O   . ILE A 1 17 ? -2.676  3.535   10.479  1.00 23.79 ? 120 ILE A O   1 
ATOM   109 C CB  . ILE A 1 17 ? -2.613  6.437   11.217  1.00 29.36 ? 120 ILE A CB  1 
ATOM   110 C CG1 . ILE A 1 17 ? -2.670  7.942   10.977  1.00 33.35 ? 120 ILE A CG1 1 
ATOM   111 C CG2 . ILE A 1 17 ? -1.762  6.055   12.417  1.00 29.39 ? 120 ILE A CG2 1 
ATOM   112 C CD1 . ILE A 1 17 ? -3.853  8.567   11.676  1.00 44.81 ? 120 ILE A CD1 1 
ATOM   113 N N   . PRO A 1 18 ? -0.495  3.995   10.320  1.00 25.08 ? 121 PRO A N   1 
ATOM   114 C CA  . PRO A 1 18 ? -0.141  2.617   10.522  1.00 24.72 ? 121 PRO A CA  1 
ATOM   115 C C   . PRO A 1 18 ? -0.785  2.044   11.752  1.00 28.46 ? 121 PRO A C   1 
ATOM   116 O O   . PRO A 1 18 ? -0.869  2.740   12.786  1.00 26.82 ? 121 PRO A O   1 
ATOM   117 C CB  . PRO A 1 18 ? 1.362   2.637   10.713  1.00 28.36 ? 121 PRO A CB  1 
ATOM   118 C CG  . PRO A 1 18 ? 1.811   3.899   10.165  1.00 28.93 ? 121 PRO A CG  1 
ATOM   119 C CD  . PRO A 1 18 ? 0.682   4.865   10.198  1.00 26.55 ? 121 PRO A CD  1 
ATOM   120 N N   . GLN A 1 19 ? -1.258  0.819   11.627  1.00 23.33 ? 122 GLN A N   1 
ATOM   121 C CA  . GLN A 1 19 ? -1.919  0.110   12.730  1.00 27.78 ? 122 GLN A CA  1 
ATOM   122 C C   . GLN A 1 19 ? -1.010  -0.883  13.324  1.00 27.11 ? 122 GLN A C   1 
ATOM   123 O O   . GLN A 1 19 ? -1.334  -1.420  14.369  1.00 31.85 ? 122 GLN A O   1 
ATOM   124 C CB  . GLN A 1 19 ? -3.231  -0.512  12.263  1.00 25.94 ? 122 GLN A CB  1 
ATOM   125 C CG  . GLN A 1 19 ? -4.193  0.542   11.736  1.00 31.16 ? 122 GLN A CG  1 
ATOM   126 C CD  . GLN A 1 19 ? -5.612  0.054   11.515  1.00 35.60 ? 122 GLN A CD  1 
ATOM   127 O OE1 . GLN A 1 19 ? -5.927  -0.727  10.612  1.00 33.94 ? 122 GLN A OE1 1 
ATOM   128 N NE2 . GLN A 1 19 ? -6.483  0.508   12.378  1.00 40.00 ? 122 GLN A NE2 1 
ATOM   129 N N   . ASN A 1 20 ? 0.160   -1.068  12.748  1.00 23.99 ? 123 ASN A N   1 
ATOM   130 C CA  . ASN A 1 20 ? 1.140   -2.029  13.169  1.00 24.69 ? 123 ASN A CA  1 
ATOM   131 C C   . ASN A 1 20 ? 2.540   -1.602  12.728  1.00 27.49 ? 123 ASN A C   1 
ATOM   132 O O   . ASN A 1 20 ? 2.667   -0.801  11.808  1.00 25.04 ? 123 ASN A O   1 
ATOM   133 C CB  . ASN A 1 20 ? 0.822   -3.411  12.633  1.00 26.05 ? 123 ASN A CB  1 
ATOM   134 C CG  . ASN A 1 20 ? 1.347   -4.501  13.514  1.00 34.09 ? 123 ASN A CG  1 
ATOM   135 O OD1 . ASN A 1 20 ? 1.070   -4.518  14.716  1.00 37.03 ? 123 ASN A OD1 1 
ATOM   136 N ND2 . ASN A 1 20 ? 2.098   -5.407  12.944  1.00 29.14 ? 123 ASN A ND2 1 
ATOM   137 N N   . GLU A 1 21 ? 3.574   -2.082  13.407  1.00 25.80 ? 124 GLU A N   1 
ATOM   138 C CA  . GLU A 1 21 ? 4.959   -1.593  13.194  1.00 27.72 ? 124 GLU A CA  1 
ATOM   139 C C   . GLU A 1 21 ? 5.538   -1.910  11.815  1.00 29.87 ? 124 GLU A C   1 
ATOM   140 O O   . GLU A 1 21 ? 6.513   -1.267  11.393  1.00 29.50 ? 124 GLU A O   1 
ATOM   141 C CB  . GLU A 1 21 ? 5.943   -2.164  14.252  1.00 32.41 ? 124 GLU A CB  1 
ATOM   142 N N   . ASP A 1 22 ? 4.961   -2.905  11.113  1.00 23.77 ? 125 ASP A N   1 
ATOM   143 C CA  . ASP A 1 22 ? 5.474   -3.311  9.776   1.00 21.97 ? 125 ASP A CA  1 
ATOM   144 C C   . ASP A 1 22 ? 4.730   -2.563  8.632   1.00 19.40 ? 125 ASP A C   1 
ATOM   145 O O   . ASP A 1 22 ? 4.929   -2.892  7.464   1.00 20.36 ? 125 ASP A O   1 
ATOM   146 C CB  . ASP A 1 22 ? 5.382   -4.814  9.563   1.00 22.97 ? 125 ASP A CB  1 
ATOM   147 C CG  . ASP A 1 22 ? 3.997   -5.368  9.705   1.00 23.10 ? 125 ASP A CG  1 
ATOM   148 O OD1 . ASP A 1 22 ? 3.055   -4.715  10.226  1.00 23.67 ? 125 ASP A OD1 1 
ATOM   149 O OD2 . ASP A 1 22 ? 3.907   -6.525  9.263   1.00 28.19 ? 125 ASP A OD2 1 
ATOM   150 N N   . GLU A 1 23 ? 3.853   -1.627  8.982   1.00 17.89 ? 126 GLU A N   1 
ATOM   151 C CA  . GLU A 1 23 ? 3.039   -0.902  8.029   1.00 16.26 ? 126 GLU A CA  1 
ATOM   152 C C   . GLU A 1 23 ? 3.611   0.472   7.708   1.00 17.72 ? 126 GLU A C   1 
ATOM   153 O O   . GLU A 1 23 ? 4.110   1.189   8.580   1.00 21.31 ? 126 GLU A O   1 
ATOM   154 C CB  . GLU A 1 23 ? 1.556   -0.795  8.433   1.00 16.43 ? 126 GLU A CB  1 
ATOM   155 C CG  . GLU A 1 23 ? 0.911   -2.113  8.756   1.00 17.12 ? 126 GLU A CG  1 
ATOM   156 C CD  . GLU A 1 23 ? -0.498  -1.986  9.301   1.00 16.38 ? 126 GLU A CD  1 
ATOM   157 O OE1 . GLU A 1 23 ? -1.110  -0.896  9.416   1.00 17.71 ? 126 GLU A OE1 1 
ATOM   158 O OE2 . GLU A 1 23 ? -1.164  -3.075  9.512   1.00 19.21 ? 126 GLU A OE2 1 
ATOM   159 N N   . LEU A 1 24 ? 3.349   0.933   6.474   1.00 15.43 ? 127 LEU A N   1 
ATOM   160 C CA  . LEU A 1 24 ? 3.675   2.273   6.042   1.00 16.54 ? 127 LEU A CA  1 
ATOM   161 C C   . LEU A 1 24 ? 2.628   3.235   6.408   1.00 18.08 ? 127 LEU A C   1 
ATOM   162 O O   . LEU A 1 24 ? 1.432   2.955   6.438   1.00 18.65 ? 127 LEU A O   1 
ATOM   163 C CB  . LEU A 1 24 ? 3.805   2.284   4.529   1.00 16.94 ? 127 LEU A CB  1 
ATOM   164 C CG  . LEU A 1 24 ? 4.886   1.455   3.848   1.00 18.16 ? 127 LEU A CG  1 
ATOM   165 C CD1 . LEU A 1 24 ? 4.765   1.670   2.343   1.00 19.82 ? 127 LEU A CD1 1 
ATOM   166 C CD2 . LEU A 1 24 ? 6.306   1.841   4.346   1.00 20.40 ? 127 LEU A CD2 1 
ATOM   167 N N   . GLU A 1 25 ? 3.044   4.404   6.761   1.00 19.04 ? 128 GLU A N   1 
ATOM   168 C CA  . GLU A 1 25 ? 2.133   5.513   6.837   1.00 18.68 ? 128 GLU A CA  1 
ATOM   169 C C   . GLU A 1 25 ? 1.873   6.124   5.475   1.00 21.16 ? 128 GLU A C   1 
ATOM   170 O O   . GLU A 1 25 ? 2.828   6.460   4.763   1.00 22.23 ? 128 GLU A O   1 
ATOM   171 C CB  . GLU A 1 25 ? 2.727   6.596   7.749   1.00 23.04 ? 128 GLU A CB  1 
ATOM   172 C CG  . GLU A 1 25 ? 1.808   7.745   7.986   1.00 25.66 ? 128 GLU A CG  1 
ATOM   173 C CD  . GLU A 1 25 ? 2.255   8.636   9.127   1.00 28.98 ? 128 GLU A CD  1 
ATOM   174 O OE1 . GLU A 1 25 ? 2.402   9.820   8.877   1.00 37.40 ? 128 GLU A OE1 1 
ATOM   175 O OE2 . GLU A 1 25 ? 2.449   8.140   10.240  1.00 39.99 ? 128 GLU A OE2 1 
ATOM   176 N N   . LEU A 1 26 ? 0.613   6.342   5.150   1.00 16.72 ? 129 LEU A N   1 
ATOM   177 C CA  . LEU A 1 26 ? 0.164   6.836   3.837   1.00 16.93 ? 129 LEU A CA  1 
ATOM   178 C C   . LEU A 1 26 ? -0.428  8.190   3.916   1.00 18.00 ? 129 LEU A C   1 
ATOM   179 O O   . LEU A 1 26 ? -1.213  8.426   4.801   1.00 20.20 ? 129 LEU A O   1 
ATOM   180 C CB  . LEU A 1 26 ? -0.841  5.904   3.170   1.00 17.76 ? 129 LEU A CB  1 
ATOM   181 C CG  . LEU A 1 26 ? -0.514  4.378   3.054   1.00 18.24 ? 129 LEU A CG  1 
ATOM   182 C CD1 . LEU A 1 26 ? -1.569  3.651   2.281   1.00 17.74 ? 129 LEU A CD1 1 
ATOM   183 C CD2 . LEU A 1 26 ? 0.793   4.177   2.387   1.00 18.92 ? 129 LEU A CD2 1 
ATOM   184 N N   . LYS A 1 27 ? 0.008   9.073   3.044   0.90 17.01 ? 130 LYS A N   1 
ATOM   185 C CA  . LYS A 1 27 ? -0.574  10.436  2.891   0.90 17.77 ? 130 LYS A CA  1 
ATOM   186 C C   . LYS A 1 27 ? -1.108  10.589  1.495   0.90 16.33 ? 130 LYS A C   1 
ATOM   187 O O   . LYS A 1 27 ? -0.585  10.028  0.534   0.90 14.70 ? 130 LYS A O   1 
ATOM   188 C CB  . LYS A 1 27 ? 0.472   11.502  3.248   0.90 20.54 ? 130 LYS A CB  1 
ATOM   189 C CG  . LYS A 1 27 ? 1.080   11.362  4.628   0.90 22.98 ? 130 LYS A CG  1 
ATOM   190 C CD  . LYS A 1 27 ? 0.095   11.439  5.792   0.90 30.31 ? 130 LYS A CD  1 
ATOM   191 N N   . VAL A 1 28 ? -2.228  11.337  1.330   1.00 18.37 ? 131 VAL A N   1 
ATOM   192 C CA  . VAL A 1 28 ? -2.838  11.467  0.046   1.00 18.24 ? 131 VAL A CA  1 
ATOM   193 C C   . VAL A 1 28 ? -1.890  12.019  -0.947  1.00 18.12 ? 131 VAL A C   1 
ATOM   194 O O   . VAL A 1 28 ? -1.074  12.916  -0.635  1.00 21.24 ? 131 VAL A O   1 
ATOM   195 C CB  . VAL A 1 28 ? -4.098  12.374  0.117   1.00 20.27 ? 131 VAL A CB  1 
ATOM   196 C CG1 . VAL A 1 28 ? -4.727  12.521  -1.233  1.00 23.87 ? 131 VAL A CG1 1 
ATOM   197 C CG2 . VAL A 1 28 ? -5.091  11.791  1.124   1.00 22.91 ? 131 VAL A CG2 1 
ATOM   198 N N   . GLY A 1 29 ? -1.877  11.327  -2.084  1.00 17.09 ? 132 GLY A N   1 
ATOM   199 C CA  . GLY A 1 29 ? -0.983  11.620  -3.216  1.00 18.19 ? 132 GLY A CA  1 
ATOM   200 C C   . GLY A 1 29 ? 0.388   11.000  -3.158  1.00 17.13 ? 132 GLY A C   1 
ATOM   201 O O   . GLY A 1 29 ? 1.178   11.151  -4.076  1.00 18.52 ? 132 GLY A O   1 
ATOM   202 N N   . ASP A 1 30 ? 0.733   10.310  -2.068  1.00 15.01 ? 133 ASP A N   1 
ATOM   203 C CA  . ASP A 1 30 ? 2.025   9.571   -2.042  1.00 14.99 ? 133 ASP A CA  1 
ATOM   204 C C   . ASP A 1 30 ? 2.098   8.591   -3.231  1.00 15.12 ? 133 ASP A C   1 
ATOM   205 O O   . ASP A 1 30 ? 1.070   7.973   -3.586  1.00 15.89 ? 133 ASP A O   1 
ATOM   206 C CB  . ASP A 1 30 ? 2.244   8.782   -0.760  1.00 16.12 ? 133 ASP A CB  1 
ATOM   207 C CG  . ASP A 1 30 ? 2.556   9.576   0.455   1.00 17.93 ? 133 ASP A CG  1 
ATOM   208 O OD1 . ASP A 1 30 ? 3.056   10.720  0.354   1.00 20.67 ? 133 ASP A OD1 1 
ATOM   209 O OD2 . ASP A 1 30 ? 2.403   9.000   1.550   1.00 19.10 ? 133 ASP A OD2 1 
ATOM   210 N N   . ILE A 1 31 ? 3.283   8.491   -3.832  1.00 13.21 ? 134 ILE A N   1 
ATOM   211 C CA  . ILE A 1 31 ? 3.536   7.476   -4.855  1.00 12.97 ? 134 ILE A CA  1 
ATOM   212 C C   . ILE A 1 31 ? 4.385   6.395   -4.245  1.00 13.39 ? 134 ILE A C   1 
ATOM   213 O O   . ILE A 1 31 ? 5.474   6.647   -3.738  1.00 16.94 ? 134 ILE A O   1 
ATOM   214 C CB  . ILE A 1 31 ? 4.232   8.095   -6.075  1.00 14.40 ? 134 ILE A CB  1 
ATOM   215 C CG1 . ILE A 1 31 ? 3.395   9.245   -6.688  1.00 15.80 ? 134 ILE A CG1 1 
ATOM   216 C CG2 . ILE A 1 31 ? 4.574   7.040   -7.126  1.00 15.54 ? 134 ILE A CG2 1 
ATOM   217 C CD1 . ILE A 1 31 ? 1.989   8.878   -7.104  1.00 15.49 ? 134 ILE A CD1 1 
ATOM   218 N N   . ILE A 1 32 ? 3.886   5.167   -4.306  1.00 14.23 ? 135 ILE A N   1 
ATOM   219 C CA  . ILE A 1 32 ? 4.587   3.974   -3.707  1.00 13.93 ? 135 ILE A CA  1 
ATOM   220 C C   . ILE A 1 32 ? 5.033   3.077   -4.841  1.00 12.30 ? 135 ILE A C   1 
ATOM   221 O O   . ILE A 1 32 ? 4.279   2.805   -5.732  1.00 13.94 ? 135 ILE A O   1 
ATOM   222 C CB  . ILE A 1 32 ? 3.603   3.139   -2.826  1.00 13.69 ? 135 ILE A CB  1 
ATOM   223 C CG1 . ILE A 1 32 ? 3.036   4.036   -1.710  1.00 16.84 ? 135 ILE A CG1 1 
ATOM   224 C CG2 . ILE A 1 32 ? 4.325   1.956   -2.210  1.00 14.69 ? 135 ILE A CG2 1 
ATOM   225 C CD1 . ILE A 1 32 ? 1.942   3.405   -0.912  1.00 18.89 ? 135 ILE A CD1 1 
ATOM   226 N N   . ASP A 1 33 ? 6.234   2.538   -4.699  1.00 13.18 ? 136 ASP A N   1 
ATOM   227 C CA  . ASP A 1 33 ? 6.755   1.548   -5.650  1.00 13.77 ? 136 ASP A CA  1 
ATOM   228 C C   . ASP A 1 33 ? 6.310   0.192   -5.079  1.00 13.37 ? 136 ASP A C   1 
ATOM   229 O O   . ASP A 1 33 ? 6.682   -0.157  -3.912  1.00 13.66 ? 136 ASP A O   1 
ATOM   230 C CB  . ASP A 1 33 ? 8.265   1.631   -5.767  1.00 14.05 ? 136 ASP A CB  1 
ATOM   231 C CG  . ASP A 1 33 ? 8.739   2.829   -6.500  1.00 18.21 ? 136 ASP A CG  1 
ATOM   232 O OD1 . ASP A 1 33 ? 7.905   3.685   -6.875  1.00 19.73 ? 136 ASP A OD1 1 
ATOM   233 O OD2 . ASP A 1 33 ? 9.985   2.954   -6.633  1.00 20.83 ? 136 ASP A OD2 1 
ATOM   234 N N   . ILE A 1 34 ? 5.512   -0.550  -5.837  1.00 12.27 ? 137 ILE A N   1 
ATOM   235 C CA  . ILE A 1 34 ? 4.909   -1.784  -5.346  1.00 13.03 ? 137 ILE A CA  1 
ATOM   236 C C   . ILE A 1 34 ? 5.936   -2.949  -5.498  1.00 14.01 ? 137 ILE A C   1 
ATOM   237 O O   . ILE A 1 34 ? 6.549   -3.093  -6.559  1.00 15.93 ? 137 ILE A O   1 
ATOM   238 C CB  . ILE A 1 34 ? 3.663   -2.135  -6.093  1.00 13.40 ? 137 ILE A CB  1 
ATOM   239 C CG1 . ILE A 1 34 ? 2.634   -1.002  -6.039  1.00 14.56 ? 137 ILE A CG1 1 
ATOM   240 C CG2 . ILE A 1 34 ? 3.095   -3.414  -5.510  1.00 14.75 ? 137 ILE A CG2 1 
ATOM   241 C CD1 . ILE A 1 34 ? 1.579   -1.108  -7.090  1.00 14.65 ? 137 ILE A CD1 1 
ATOM   242 N N   . ASN A 1 35 ? 6.103   -3.742  -4.472  1.00 13.11 ? 138 ASN A N   1 
ATOM   243 C CA  . ASN A 1 35 ? 6.914   -4.976  -4.547  1.00 13.65 ? 138 ASN A CA  1 
ATOM   244 C C   . ASN A 1 35 ? 5.977   -6.137  -4.842  1.00 14.27 ? 138 ASN A C   1 
ATOM   245 O O   . ASN A 1 35 ? 5.930   -6.610  -6.024  1.00 18.27 ? 138 ASN A O   1 
ATOM   246 C CB  . ASN A 1 35 ? 7.762   -5.099  -3.252  1.00 15.17 ? 138 ASN A CB  1 
ATOM   247 C CG  . ASN A 1 35 ? 8.531   -6.374  -3.195  1.00 16.66 ? 138 ASN A CG  1 
ATOM   248 O OD1 . ASN A 1 35 ? 8.949   -6.855  -4.238  1.00 17.99 ? 138 ASN A OD1 1 
ATOM   249 N ND2 . ASN A 1 35 ? 8.738   -6.916  -1.995  1.00 16.92 ? 138 ASN A ND2 1 
ATOM   250 N N   . GLU A 1 36 ? 5.142   -6.562  -3.921  1.00 13.44 ? 139 GLU A N   1 
ATOM   251 C CA  . GLU A 1 36 ? 4.327   -7.772  -4.123  1.00 15.25 ? 139 GLU A CA  1 
ATOM   252 C C   . GLU A 1 36 ? 3.096   -7.702  -3.283  1.00 15.55 ? 139 GLU A C   1 
ATOM   253 O O   . GLU A 1 36 ? 3.007   -6.912  -2.305  1.00 14.11 ? 139 GLU A O   1 
ATOM   254 C CB  . GLU A 1 36 ? 5.126   -9.022  -3.892  1.00 17.35 ? 139 GLU A CB  1 
ATOM   255 C CG  . GLU A 1 36 ? 5.670   -9.170  -2.557  1.00 17.98 ? 139 GLU A CG  1 
ATOM   256 C CD  . GLU A 1 36 ? 6.911   -10.193 -2.491  1.00 20.20 ? 139 GLU A CD  1 
ATOM   257 O OE1 . GLU A 1 36 ? 7.465   -10.675 -3.471  1.00 25.08 ? 139 GLU A OE1 1 
ATOM   258 O OE2 . GLU A 1 36 ? 7.349   -10.381 -1.387  1.00 22.36 ? 139 GLU A OE2 1 
ATOM   259 N N   . GLU A 1 37 ? 2.160   -8.609  -3.606  1.00 13.90 ? 140 GLU A N   1 
ATOM   260 C CA  . GLU A 1 37 ? 0.995   -8.814  -2.796  1.00 14.62 ? 140 GLU A CA  1 
ATOM   261 C C   . GLU A 1 37 ? 1.232   -9.919  -1.776  1.00 16.28 ? 140 GLU A C   1 
ATOM   262 O O   . GLU A 1 37 ? 1.675   -11.012 -2.096  1.00 15.53 ? 140 GLU A O   1 
ATOM   263 C CB  . GLU A 1 37 ? -0.230  -9.105  -3.614  1.00 14.78 ? 140 GLU A CB  1 
ATOM   264 C CG  . GLU A 1 37 ? -1.455  -9.359  -2.790  1.00 15.38 ? 140 GLU A CG  1 
ATOM   265 C CD  . GLU A 1 37 ? -2.747  -9.343  -3.566  1.00 16.86 ? 140 GLU A CD  1 
ATOM   266 O OE1 . GLU A 1 37 ? -3.314  -10.464 -3.737  1.00 26.01 ? 140 GLU A OE1 1 
ATOM   267 O OE2 . GLU A 1 37 ? -3.196  -8.348  -4.082  1.00 15.71 ? 140 GLU A OE2 1 
ATOM   268 N N   . VAL A 1 38 ? 1.077   -9.586  -0.489  1.00 15.70 ? 141 VAL A N   1 
ATOM   269 C CA  A VAL A 1 38 ? 1.271   -10.541 0.595   0.53 16.24 ? 141 VAL A CA  1 
ATOM   270 C CA  B VAL A 1 38 ? 1.309   -10.605 0.566   0.47 16.34 ? 141 VAL A CA  1 
ATOM   271 C C   . VAL A 1 38 ? 0.030   -11.412 0.786   1.00 15.59 ? 141 VAL A C   1 
ATOM   272 O O   . VAL A 1 38 ? 0.096   -12.627 1.029   1.00 18.04 ? 141 VAL A O   1 
ATOM   273 C CB  A VAL A 1 38 ? 1.659   -9.762  1.857   0.53 17.61 ? 141 VAL A CB  1 
ATOM   274 C CB  B VAL A 1 38 ? 1.955   -10.064 1.884   0.47 17.43 ? 141 VAL A CB  1 
ATOM   275 C CG1 A VAL A 1 38 ? 1.539   -10.618 3.067   0.53 16.54 ? 141 VAL A CG1 1 
ATOM   276 C CG1 B VAL A 1 38 ? 3.053   -9.064  1.591   0.47 18.17 ? 141 VAL A CG1 1 
ATOM   277 C CG2 A VAL A 1 38 ? 3.082   -9.298  1.707   0.53 18.39 ? 141 VAL A CG2 1 
ATOM   278 C CG2 B VAL A 1 38 ? 0.959   -9.370  2.753   0.47 16.98 ? 141 VAL A CG2 1 
ATOM   279 N N   . GLU A 1 39 ? -1.140  -10.759 0.654   1.00 16.15 ? 142 GLU A N   1 
ATOM   280 C CA  . GLU A 1 39 ? -2.449  -11.371 0.729   1.00 15.04 ? 142 GLU A CA  1 
ATOM   281 C C   . GLU A 1 39 ? -3.418  -10.404 0.157   1.00 17.14 ? 142 GLU A C   1 
ATOM   282 O O   . GLU A 1 39 ? -3.103  -9.216  -0.033  1.00 16.95 ? 142 GLU A O   1 
ATOM   283 C CB  . GLU A 1 39 ? -2.807  -11.743 2.161   1.00 17.36 ? 142 GLU A CB  1 
ATOM   284 C CG  . GLU A 1 39 ? -2.925  -10.585 3.126   1.00 16.42 ? 142 GLU A CG  1 
ATOM   285 C CD  . GLU A 1 39 ? -3.324  -11.013 4.502   1.00 18.15 ? 142 GLU A CD  1 
ATOM   286 O OE1 . GLU A 1 39 ? -4.377  -11.715 4.587   1.00 22.36 ? 142 GLU A OE1 1 
ATOM   287 O OE2 . GLU A 1 39 ? -2.721  -10.549 5.476   1.00 18.50 ? 142 GLU A OE2 1 
ATOM   288 N N   . GLU A 1 40 ? -4.636  -10.892 -0.116  1.00 16.17 ? 143 GLU A N   1 
ATOM   289 C CA  . GLU A 1 40 ? -5.677  -9.989  -0.580  1.00 17.47 ? 143 GLU A CA  1 
ATOM   290 C C   . GLU A 1 40 ? -5.745  -8.763  0.382   1.00 17.23 ? 143 GLU A C   1 
ATOM   291 O O   . GLU A 1 40 ? -5.859  -8.877  1.613   1.00 19.16 ? 143 GLU A O   1 
ATOM   292 C CB  . GLU A 1 40 ? -7.073  -10.688 -0.696  1.00 21.01 ? 143 GLU A CB  1 
ATOM   293 C CG  . GLU A 1 40 ? -8.125  -9.758  -1.318  1.00 26.17 ? 143 GLU A CG  1 
ATOM   294 C CD  . GLU A 1 40 ? -9.447  -10.425 -1.678  1.00 36.48 ? 143 GLU A CD  1 
ATOM   295 O OE1 . GLU A 1 40 ? -9.525  -11.669 -1.638  1.00 46.87 ? 143 GLU A OE1 1 
ATOM   296 O OE2 . GLU A 1 40 ? -10.404 -9.692  -2.006  1.00 43.60 ? 143 GLU A OE2 1 
ATOM   297 N N   . GLY A 1 41 ? -5.677  -7.580  -0.198  1.00 15.51 ? 144 GLY A N   1 
ATOM   298 C CA  . GLY A 1 41 ? -5.758  -6.395  0.614   1.00 15.40 ? 144 GLY A CA  1 
ATOM   299 C C   . GLY A 1 41 ? -4.487  -5.771  1.114   1.00 14.34 ? 144 GLY A C   1 
ATOM   300 O O   . GLY A 1 41 ? -4.549  -4.633  1.617   1.00 13.29 ? 144 GLY A O   1 
ATOM   301 N N   . TRP A 1 42 ? -3.394  -6.481  0.954   1.00 13.71 ? 145 TRP A N   1 
ATOM   302 C CA  . TRP A 1 42 ? -2.158  -6.053  1.583   1.00 13.37 ? 145 TRP A CA  1 
ATOM   303 C C   . TRP A 1 42 ? -0.969  -6.197  0.654   1.00 12.94 ? 145 TRP A C   1 
ATOM   304 O O   . TRP A 1 42 ? -0.638  -7.317  0.251   1.00 13.08 ? 145 TRP A O   1 
ATOM   305 C CB  . TRP A 1 42 ? -1.911  -6.810  2.935   1.00 13.20 ? 145 TRP A CB  1 
ATOM   306 C CG  . TRP A 1 42 ? -2.860  -6.260  3.953   1.00 14.47 ? 145 TRP A CG  1 
ATOM   307 C CD1 . TRP A 1 42 ? -4.135  -6.709  4.201   1.00 13.91 ? 145 TRP A CD1 1 
ATOM   308 C CD2 . TRP A 1 42 ? -2.709  -5.061  4.672   1.00 14.87 ? 145 TRP A CD2 1 
ATOM   309 N NE1 . TRP A 1 42 ? -4.712  -5.873  5.073   1.00 15.72 ? 145 TRP A NE1 1 
ATOM   310 C CE2 . TRP A 1 42 ? -3.861  -4.864  5.409   1.00 15.19 ? 145 TRP A CE2 1 
ATOM   311 C CE3 . TRP A 1 42 ? -1.626  -4.213  4.899   1.00 15.34 ? 145 TRP A CE3 1 
ATOM   312 C CZ2 . TRP A 1 42 ? -4.009  -3.789  6.295   1.00 15.91 ? 145 TRP A CZ2 1 
ATOM   313 C CZ3 . TRP A 1 42 ? -1.771  -3.092  5.770   1.00 15.77 ? 145 TRP A CZ3 1 
ATOM   314 C CH2 . TRP A 1 42 ? -2.967  -2.918  6.443   1.00 18.21 ? 145 TRP A CH2 1 
ATOM   315 N N   . TRP A 1 43 ? -0.358  -5.086  0.316   1.00 11.08 ? 146 TRP A N   1 
ATOM   316 C CA  . TRP A 1 43 ? 0.800   -5.076  -0.531  1.00 12.01 ? 146 TRP A CA  1 
ATOM   317 C C   . TRP A 1 43 ? 2.019   -4.615  0.251   1.00 11.77 ? 146 TRP A C   1 
ATOM   318 O O   . TRP A 1 43 ? 1.936   -3.878  1.238   1.00 12.02 ? 146 TRP A O   1 
ATOM   319 C CB  . TRP A 1 43 ? 0.592   -4.101  -1.686  1.00 11.95 ? 146 TRP A CB  1 
ATOM   320 C CG  . TRP A 1 43 ? -0.483  -4.542  -2.694  1.00 12.90 ? 146 TRP A CG  1 
ATOM   321 C CD1 . TRP A 1 43 ? -1.062  -5.778  -2.729  1.00 14.47 ? 146 TRP A CD1 1 
ATOM   322 C CD2 . TRP A 1 43 ? -1.071  -3.775  -3.774  1.00 14.26 ? 146 TRP A CD2 1 
ATOM   323 N NE1 . TRP A 1 43 ? -2.011  -5.825  -3.747  1.00 15.16 ? 146 TRP A NE1 1 
ATOM   324 C CE2 . TRP A 1 43 ? -2.012  -4.628  -4.409  1.00 15.18 ? 146 TRP A CE2 1 
ATOM   325 C CE3 . TRP A 1 43 ? -0.924  -2.467  -4.240  1.00 14.27 ? 146 TRP A CE3 1 
ATOM   326 C CZ2 . TRP A 1 43 ? -2.800  -4.189  -5.490  1.00 17.11 ? 146 TRP A CZ2 1 
ATOM   327 C CZ3 . TRP A 1 43 ? -1.685  -2.050  -5.305  1.00 16.28 ? 146 TRP A CZ3 1 
ATOM   328 C CH2 . TRP A 1 43 ? -2.589  -2.911  -5.923  1.00 15.69 ? 146 TRP A CH2 1 
ATOM   329 N N   A SER A 1 44 ? 3.197   -5.106  -0.156  0.61 11.87 ? 147 SER A N   1 
ATOM   330 N N   B SER A 1 44 ? 3.175   -5.023  -0.265  0.39 12.88 ? 147 SER A N   1 
ATOM   331 C CA  A SER A 1 44 ? 4.435   -4.474  0.267   0.61 10.65 ? 147 SER A CA  1 
ATOM   332 C CA  B SER A 1 44 ? 4.459   -4.589  0.231   0.39 12.65 ? 147 SER A CA  1 
ATOM   333 C C   A SER A 1 44 ? 4.939   -3.527  -0.812  0.61 11.30 ? 147 SER A C   1 
ATOM   334 C C   B SER A 1 44 ? 5.081   -3.627  -0.796  0.39 12.22 ? 147 SER A C   1 
ATOM   335 O O   A SER A 1 44 ? 4.655   -3.694  -2.032  0.61 11.41 ? 147 SER A O   1 
ATOM   336 O O   B SER A 1 44 ? 5.021   -3.908  -1.990  0.39 12.34 ? 147 SER A O   1 
ATOM   337 C CB  A SER A 1 44 ? 5.497   -5.500  0.594   0.61 10.78 ? 147 SER A CB  1 
ATOM   338 C CB  B SER A 1 44 ? 5.300   -5.835  0.384   0.39 13.79 ? 147 SER A CB  1 
ATOM   339 O OG  A SER A 1 44 ? 5.878   -6.266  -0.564  0.61 10.28 ? 147 SER A OG  1 
ATOM   340 O OG  B SER A 1 44 ? 6.657   -5.524  0.582   0.39 16.43 ? 147 SER A OG  1 
ATOM   341 N N   . GLY A 1 45 ? 5.627   -2.487  -0.357  1.00 11.56 ? 148 GLY A N   1 
ATOM   342 C CA  . GLY A 1 45 ? 6.191   -1.505  -1.277  1.00 11.61 ? 148 GLY A CA  1 
ATOM   343 C C   . GLY A 1 45 ? 7.090   -0.537  -0.562  1.00 11.52 ? 148 GLY A C   1 
ATOM   344 O O   . GLY A 1 45 ? 7.235   -0.630  0.664   1.00 12.49 ? 148 GLY A O   1 
ATOM   345 N N   . THR A 1 46 ? 7.654   0.395   -1.292  1.00 11.86 ? 149 THR A N   1 
ATOM   346 C CA  . THR A 1 46 ? 8.606   1.306   -0.743  1.00 13.24 ? 149 THR A CA  1 
ATOM   347 C C   . THR A 1 46 ? 8.119   2.741   -0.925  1.00 13.05 ? 149 THR A C   1 
ATOM   348 O O   . THR A 1 46 ? 7.567   3.098   -1.999  1.00 14.25 ? 149 THR A O   1 
ATOM   349 C CB  . THR A 1 46 ? 10.029  1.110   -1.373  1.00 14.75 ? 149 THR A CB  1 
ATOM   350 O OG1 . THR A 1 46 ? 9.938   1.135   -2.771  1.00 17.88 ? 149 THR A OG1 1 
ATOM   351 C CG2 . THR A 1 46 ? 10.561  -0.223  -1.020  1.00 15.53 ? 149 THR A CG2 1 
ATOM   352 N N   . LEU A 1 47 ? 8.309   3.517   0.145   1.00 14.97 ? 150 LEU A N   1 
ATOM   353 C CA  . LEU A 1 47 ? 7.920   4.941   0.195   1.00 17.40 ? 150 LEU A CA  1 
ATOM   354 C C   . LEU A 1 47 ? 8.958   5.666   1.032   1.00 17.28 ? 150 LEU A C   1 
ATOM   355 O O   . LEU A 1 47 ? 9.154   5.260   2.162   1.00 19.59 ? 150 LEU A O   1 
ATOM   356 C CB  . LEU A 1 47 ? 6.535   5.074   0.820   1.00 19.58 ? 150 LEU A CB  1 
ATOM   357 C CG  . LEU A 1 47 ? 5.985   6.526   0.967   1.00 20.21 ? 150 LEU A CG  1 
ATOM   358 C CD1 . LEU A 1 47 ? 5.751   7.247   -0.327  1.00 20.98 ? 150 LEU A CD1 1 
ATOM   359 C CD2 . LEU A 1 47 ? 4.644   6.333   1.669   1.00 24.35 ? 150 LEU A CD2 1 
ATOM   360 N N   . ASN A 1 48 ? 9.581   6.705   0.484   1.00 21.21 ? 151 ASN A N   1 
ATOM   361 C CA  . ASN A 1 48 ? 10.641  7.461   1.290   1.00 22.13 ? 151 ASN A CA  1 
ATOM   362 C C   . ASN A 1 48 ? 11.708  6.579   1.989   1.00 24.34 ? 151 ASN A C   1 
ATOM   363 O O   . ASN A 1 48 ? 12.037  6.728   3.248   1.00 26.58 ? 151 ASN A O   1 
ATOM   364 C CB  . ASN A 1 48 ? 9.982   8.283   2.353   1.00 26.21 ? 151 ASN A CB  1 
ATOM   365 C CG  . ASN A 1 48 ? 9.040   9.302   1.778   1.00 26.76 ? 151 ASN A CG  1 
ATOM   366 O OD1 . ASN A 1 48 ? 9.176   9.752   0.622   1.00 27.28 ? 151 ASN A OD1 1 
ATOM   367 N ND2 . ASN A 1 48 ? 8.026   9.610   2.554   1.00 34.14 ? 151 ASN A ND2 1 
ATOM   368 N N   . ASN A 1 49 ? 12.189  5.654   1.180   1.00 21.72 ? 152 ASN A N   1 
ATOM   369 C CA  . ASN A 1 49 ? 13.143  4.673   1.580   1.00 21.85 ? 152 ASN A CA  1 
ATOM   370 C C   . ASN A 1 49 ? 12.773  3.662   2.662   1.00 20.92 ? 152 ASN A C   1 
ATOM   371 O O   . ASN A 1 49 ? 13.645  3.035   3.252   1.00 19.45 ? 152 ASN A O   1 
ATOM   372 C CB  . ASN A 1 49 ? 14.386  5.438   1.986   1.00 25.71 ? 152 ASN A CB  1 
ATOM   373 C CG  . ASN A 1 49 ? 15.612  4.727   1.595   1.00 27.86 ? 152 ASN A CG  1 
ATOM   374 O OD1 . ASN A 1 49 ? 15.707  4.271   0.447   1.00 31.99 ? 152 ASN A OD1 1 
ATOM   375 N ND2 . ASN A 1 49 ? 16.531  4.531   2.559   1.00 33.22 ? 152 ASN A ND2 1 
ATOM   376 N N   . LYS A 1 50 ? 11.494  3.519   2.973   1.00 18.63 ? 153 LYS A N   1 
ATOM   377 C CA  . LYS A 1 50 ? 11.031  2.488   3.880   1.00 19.12 ? 153 LYS A CA  1 
ATOM   378 C C   . LYS A 1 50 ? 10.261  1.425   3.062   1.00 17.05 ? 153 LYS A C   1 
ATOM   379 O O   . LYS A 1 50 ? 9.486   1.779   2.191   1.00 18.22 ? 153 LYS A O   1 
ATOM   380 C CB  . LYS A 1 50 ? 10.040  2.984   4.925   1.00 23.30 ? 153 LYS A CB  1 
ATOM   381 C CG  . LYS A 1 50 ? 10.547  4.063   5.843   1.00 30.42 ? 153 LYS A CG  1 
ATOM   382 C CD  . LYS A 1 50 ? 9.615   4.274   7.058   1.00 36.87 ? 153 LYS A CD  1 
ATOM   383 C CE  . LYS A 1 50 ? 9.718   5.690   7.625   1.00 43.54 ? 153 LYS A CE  1 
ATOM   384 N NZ  . LYS A 1 50 ? 9.378   6.738   6.604   1.00 43.04 ? 153 LYS A NZ  1 
ATOM   385 N N   . LEU A 1 51 ? 10.523  0.159   3.377   1.00 15.75 ? 154 LEU A N   1 
ATOM   386 C CA  A LEU A 1 51 ? 9.753   -0.964  2.867   0.50 15.77 ? 154 LEU A CA  1 
ATOM   387 C CA  B LEU A 1 51 ? 9.779   -0.974  2.865   0.50 14.91 ? 154 LEU A CA  1 
ATOM   388 C C   . LEU A 1 51 ? 8.767   -1.360  3.930   1.00 15.48 ? 154 LEU A C   1 
ATOM   389 O O   . LEU A 1 51 ? 9.099   -1.526  5.080   1.00 18.09 ? 154 LEU A O   1 
ATOM   390 C CB  A LEU A 1 51 ? 10.608  -2.180  2.497   0.50 16.63 ? 154 LEU A CB  1 
ATOM   391 C CB  B LEU A 1 51 ? 10.715  -2.148  2.544   0.50 14.59 ? 154 LEU A CB  1 
ATOM   392 C CG  A LEU A 1 51 ? 9.715   -3.250  1.843   0.50 17.72 ? 154 LEU A CG  1 
ATOM   393 C CG  B LEU A 1 51 ? 10.068  -3.415  1.967   0.50 14.56 ? 154 LEU A CG  1 
ATOM   394 C CD1 A LEU A 1 51 ? 10.435  -3.800  0.653   0.50 19.19 ? 154 LEU A CD1 1 
ATOM   395 C CD1 B LEU A 1 51 ? 9.392   -3.178  0.638   0.50 13.55 ? 154 LEU A CD1 1 
ATOM   396 C CD2 A LEU A 1 51 ? 9.272   -4.372  2.796   0.50 18.47 ? 154 LEU A CD2 1 
ATOM   397 C CD2 B LEU A 1 51 ? 11.092  -4.566  1.843   0.50 15.44 ? 154 LEU A CD2 1 
ATOM   398 N N   . GLY A 1 52 ? 7.503   -1.457  3.559   1.00 12.85 ? 155 GLY A N   1 
ATOM   399 C CA  . GLY A 1 52 ? 6.518   -1.894  4.456   1.00 13.79 ? 155 GLY A CA  1 
ATOM   400 C C   . GLY A 1 52 ? 5.236   -2.334  3.818   1.00 12.94 ? 155 GLY A C   1 
ATOM   401 O O   . GLY A 1 52 ? 5.077   -2.306  2.598   1.00 13.03 ? 155 GLY A O   1 
ATOM   402 N N   . LEU A 1 53 ? 4.281   -2.752  4.667   1.00 13.82 ? 156 LEU A N   1 
ATOM   403 C CA  . LEU A 1 53 ? 2.993   -3.213  4.170   1.00 14.25 ? 156 LEU A CA  1 
ATOM   404 C C   . LEU A 1 53 ? 1.995   -2.097  4.172   1.00 13.94 ? 156 LEU A C   1 
ATOM   405 O O   . LEU A 1 53 ? 2.020   -1.223  5.058   1.00 14.84 ? 156 LEU A O   1 
ATOM   406 C CB  . LEU A 1 53 ? 2.468   -4.354  5.029   1.00 17.88 ? 156 LEU A CB  1 
ATOM   407 C CG  . LEU A 1 53 ? 3.256   -5.639  4.930   1.00 21.75 ? 156 LEU A CG  1 
ATOM   408 C CD1 . LEU A 1 53 ? 2.538   -6.657  5.732   1.00 26.52 ? 156 LEU A CD1 1 
ATOM   409 C CD2 . LEU A 1 53 ? 3.400   -6.176  3.531   1.00 28.35 ? 156 LEU A CD2 1 
ATOM   410 N N   . PHE A 1 54 ? 1.085   -2.128  3.236   1.00 12.27 ? 157 PHE A N   1 
ATOM   411 C CA  . PHE A 1 54 ? 0.033   -1.136  3.208   1.00 11.83 ? 157 PHE A CA  1 
ATOM   412 C C   . PHE A 1 54 ? -1.271  -1.677  2.626   1.00 13.76 ? 157 PHE A C   1 
ATOM   413 O O   . PHE A 1 54 ? -1.290  -2.602  1.799   1.00 13.25 ? 157 PHE A O   1 
ATOM   414 C CB  . PHE A 1 54 ? 0.491   0.092   2.462   1.00 11.39 ? 157 PHE A CB  1 
ATOM   415 C CG  . PHE A 1 54 ? 0.835   -0.153  1.026   1.00 12.04 ? 157 PHE A CG  1 
ATOM   416 C CD1 . PHE A 1 54 ? -0.096  0.096   0.004   1.00 12.53 ? 157 PHE A CD1 1 
ATOM   417 C CD2 . PHE A 1 54 ? 2.119   -0.639  0.614   1.00 11.11 ? 157 PHE A CD2 1 
ATOM   418 C CE1 . PHE A 1 54 ? 0.191   -0.115  -1.357  1.00 13.25 ? 157 PHE A CE1 1 
ATOM   419 C CE2 . PHE A 1 54 ? 2.366   -0.828  -0.742  1.00 12.28 ? 157 PHE A CE2 1 
ATOM   420 C CZ  . PHE A 1 54 ? 1.422   -0.624  -1.740  1.00 12.93 ? 157 PHE A CZ  1 
ATOM   421 N N   . PRO A 1 55 ? -2.388  -1.053  2.996   1.00 13.72 ? 158 PRO A N   1 
ATOM   422 C CA  . PRO A 1 55 ? -3.654  -1.559  2.454   1.00 13.41 ? 158 PRO A CA  1 
ATOM   423 C C   . PRO A 1 55 ? -3.911  -1.197  1.019   1.00 14.54 ? 158 PRO A C   1 
ATOM   424 O O   . PRO A 1 55 ? -3.914  -0.015  0.662   1.00 15.63 ? 158 PRO A O   1 
ATOM   425 C CB  . PRO A 1 55 ? -4.694  -0.913  3.428   1.00 15.01 ? 158 PRO A CB  1 
ATOM   426 C CG  . PRO A 1 55 ? -4.032  0.288   3.952   1.00 15.82 ? 158 PRO A CG  1 
ATOM   427 C CD  . PRO A 1 55 ? -2.570  -0.035  4.050   1.00 15.33 ? 158 PRO A CD  1 
ATOM   428 N N   . SER A 1 56 ? -4.141  -2.181  0.167   1.00 13.25 ? 159 SER A N   1 
ATOM   429 C CA  . SER A 1 56 ? -4.243  -2.010  -1.274  1.00 15.61 ? 159 SER A CA  1 
ATOM   430 C C   . SER A 1 56 ? -5.515  -1.251  -1.639  1.00 18.12 ? 159 SER A C   1 
ATOM   431 O O   . SER A 1 56 ? -5.595  -0.765  -2.719  1.00 21.83 ? 159 SER A O   1 
ATOM   432 C CB  . SER A 1 56 ? -4.064  -3.320  -2.043  1.00 16.82 ? 159 SER A CB  1 
ATOM   433 O OG  . SER A 1 56 ? -5.052  -4.231  -1.741  1.00 16.70 ? 159 SER A OG  1 
ATOM   434 N N   . ASN A 1 57 ? -6.488  -1.241  -0.766  1.00 21.73 ? 160 ASN A N   1 
ATOM   435 C CA  . ASN A 1 57 ? -7.732  -0.528  -1.199  1.00 25.18 ? 160 ASN A CA  1 
ATOM   436 C C   . ASN A 1 57 ? -7.658  0.928   -0.815  1.00 20.37 ? 160 ASN A C   1 
ATOM   437 O O   . ASN A 1 57 ? -8.605  1.613   -1.108  1.00 20.49 ? 160 ASN A O   1 
ATOM   438 C CB  . ASN A 1 57 ? -8.991  -1.175  -0.723  1.00 31.85 ? 160 ASN A CB  1 
ATOM   439 C CG  . ASN A 1 57 ? -8.967  -1.451  0.728   1.00 27.67 ? 160 ASN A CG  1 
ATOM   440 O OD1 . ASN A 1 57 ? -7.909  -1.382  1.376   1.00 31.14 ? 160 ASN A OD1 1 
ATOM   441 N ND2 . ASN A 1 57 ? -10.112 -1.907  1.245   1.00 33.04 ? 160 ASN A ND2 1 
ATOM   442 N N   . PHE A 1 58 ? -6.467  1.407   -0.373  1.00 17.39 ? 161 PHE A N   1 
ATOM   443 C CA  . PHE A 1 58 ? -6.218  2.853   -0.126  1.00 15.51 ? 161 PHE A CA  1 
ATOM   444 C C   . PHE A 1 58 ? -5.463  3.454   -1.320  1.00 17.41 ? 161 PHE A C   1 
ATOM   445 O O   . PHE A 1 58 ? -5.158  4.635   -1.270  1.00 18.01 ? 161 PHE A O   1 
ATOM   446 C CB  . PHE A 1 58 ? -5.458  3.094   1.146   1.00 16.69 ? 161 PHE A CB  1 
ATOM   447 C CG  . PHE A 1 58 ? -6.251  2.986   2.412   1.00 18.14 ? 161 PHE A CG  1 
ATOM   448 C CD1 . PHE A 1 58 ? -6.268  4.046   3.312   1.00 17.99 ? 161 PHE A CD1 1 
ATOM   449 C CD2 . PHE A 1 58 ? -6.970  1.829   2.741   1.00 20.29 ? 161 PHE A CD2 1 
ATOM   450 C CE1 . PHE A 1 58 ? -7.028  3.983   4.467   1.00 20.27 ? 161 PHE A CE1 1 
ATOM   451 C CE2 . PHE A 1 58 ? -7.705  1.798   3.929   1.00 19.04 ? 161 PHE A CE2 1 
ATOM   452 C CZ  . PHE A 1 58 ? -7.690  2.822   4.787   1.00 19.35 ? 161 PHE A CZ  1 
ATOM   453 N N   . VAL A 1 59 ? -5.178  2.681   -2.358  1.00 17.38 ? 162 VAL A N   1 
ATOM   454 C CA  . VAL A 1 59 ? -4.403  3.112   -3.476  1.00 16.27 ? 162 VAL A CA  1 
ATOM   455 C C   . VAL A 1 59 ? -4.989  2.756   -4.802  1.00 17.12 ? 162 VAL A C   1 
ATOM   456 O O   . VAL A 1 59 ? -5.861  1.899   -4.948  1.00 17.89 ? 162 VAL A O   1 
ATOM   457 C CB  . VAL A 1 59 ? -2.956  2.571   -3.350  1.00 15.88 ? 162 VAL A CB  1 
ATOM   458 C CG1 . VAL A 1 59 ? -2.435  2.737   -1.979  1.00 17.10 ? 162 VAL A CG1 1 
ATOM   459 C CG2 . VAL A 1 59 ? -2.883  1.102   -3.751  1.00 17.08 ? 162 VAL A CG2 1 
ATOM   460 N N   . LYS A 1 60 ? -4.479  3.446   -5.818  1.00 17.67 ? 163 LYS A N   1 
ATOM   461 C CA  . LYS A 1 60 ? -4.770  3.205   -7.199  1.00 20.12 ? 163 LYS A CA  1 
ATOM   462 C C   . LYS A 1 60 ? -3.508  2.854   -7.960  1.00 18.50 ? 163 LYS A C   1 
ATOM   463 O O   . LYS A 1 60 ? -2.558  3.653   -8.051  1.00 16.32 ? 163 LYS A O   1 
ATOM   464 C CB  . LYS A 1 60 ? -5.440  4.441   -7.805  1.00 24.95 ? 163 LYS A CB  1 
ATOM   465 C CG  . LYS A 1 60 ? -6.033  4.190   -9.171  1.00 32.25 ? 163 LYS A CG  1 
ATOM   466 C CD  . LYS A 1 60 ? -7.305  3.331   -9.120  1.00 45.51 ? 163 LYS A CD  1 
ATOM   467 C CE  . LYS A 1 60 ? -8.605  4.112   -9.392  1.00 55.69 ? 163 LYS A CE  1 
ATOM   468 N NZ  . LYS A 1 60 ? -9.827  3.331   -8.951  1.00 57.46 ? 163 LYS A NZ  1 
ATOM   469 N N   . GLU A 1 61 ? -3.403  1.610   -8.459  1.00 19.54 ? 164 GLU A N   1 
ATOM   470 C CA  . GLU A 1 61 ? -2.357  1.241   -9.333  1.00 20.30 ? 164 GLU A CA  1 
ATOM   471 C C   . GLU A 1 61 ? -2.333  2.057   -10.659 1.00 19.84 ? 164 GLU A C   1 
ATOM   472 O O   . GLU A 1 61 ? -3.375  2.370   -11.278 1.00 22.07 ? 164 GLU A O   1 
ATOM   473 C CB  . GLU A 1 61 ? -2.344  -0.299  -9.566  1.00 24.25 ? 164 GLU A CB  1 
ATOM   474 C CG  . GLU A 1 61 ? -3.588  -0.871  -10.253 1.00 28.64 ? 164 GLU A CG  1 
ATOM   475 C CD  . GLU A 1 61 ? -4.681  -1.289  -9.268  1.00 29.55 ? 164 GLU A CD  1 
ATOM   476 O OE1 . GLU A 1 61 ? -5.078  -0.486  -8.421  1.00 28.30 ? 164 GLU A OE1 1 
ATOM   477 O OE2 . GLU A 1 61 ? -5.185  -2.448  -9.296  1.00 30.15 ? 164 GLU A OE2 1 
ATOM   478 N N   . LEU A 1 62 ? -1.137  2.489   -11.014 1.00 18.05 ? 165 LEU A N   1 
ATOM   479 C CA  . LEU A 1 62 ? -0.820  3.252   -12.207 1.00 19.60 ? 165 LEU A CA  1 
ATOM   480 C C   . LEU A 1 62 ? -0.374  2.449   -13.426 1.00 26.87 ? 165 LEU A C   1 
ATOM   481 O O   . LEU A 1 62 ? 0.151   1.342   -13.296 1.00 28.77 ? 165 LEU A O   1 
ATOM   482 C CB  . LEU A 1 62 ? 0.192   4.298   -11.838 1.00 18.58 ? 165 LEU A CB  1 
ATOM   483 C CG  . LEU A 1 62 ? -0.293  5.139   -10.695 1.00 17.71 ? 165 LEU A CG  1 
ATOM   484 C CD1 . LEU A 1 62 ? 0.953   5.819   -10.107 1.00 19.54 ? 165 LEU A CD1 1 
ATOM   485 C CD2 . LEU A 1 62 ? -1.330  6.186   -11.118 1.00 21.44 ? 165 LEU A CD2 1 
ATOM   486 N N   . GLU A 1 63 ? -0.660  2.966   -14.620 1.00 28.38 ? 166 GLU A N   1 
ATOM   487 C CA  A GLU A 1 63 ? -0.305  2.264   -15.848 0.57 35.47 ? 166 GLU A CA  1 
ATOM   488 C CA  B GLU A 1 63 ? -0.283  2.310   -15.870 0.43 33.62 ? 166 GLU A CA  1 
ATOM   489 C C   . GLU A 1 63 ? 1.208   1.994   -15.830 1.00 35.22 ? 166 GLU A C   1 
ATOM   490 O O   . GLU A 1 63 ? 1.999   2.887   -15.455 1.00 34.83 ? 166 GLU A O   1 
ATOM   491 C CB  A GLU A 1 63 ? -0.727  3.083   -17.075 0.57 35.52 ? 166 GLU A CB  1 
ATOM   492 C CB  B GLU A 1 63 ? -0.576  3.265   -17.021 0.43 31.87 ? 166 GLU A CB  1 
ATOM   493 C CG  A GLU A 1 63 ? -2.203  3.523   -17.056 0.57 39.56 ? 166 GLU A CG  1 
ATOM   494 C CG  B GLU A 1 63 ? -0.130  2.791   -18.396 0.43 33.30 ? 166 GLU A CG  1 
ATOM   495 C CD  A GLU A 1 63 ? -2.888  3.599   -18.433 0.57 42.82 ? 166 GLU A CD  1 
ATOM   496 C CD  B GLU A 1 63 ? -0.516  3.749   -19.507 0.43 32.32 ? 166 GLU A CD  1 
ATOM   497 O OE1 A GLU A 1 63 ? -2.227  3.354   -19.479 0.57 44.24 ? 166 GLU A OE1 1 
ATOM   498 O OE1 B GLU A 1 63 ? -1.605  4.336   -19.445 0.43 37.21 ? 166 GLU A OE1 1 
ATOM   499 O OE2 A GLU A 1 63 ? -4.105  3.893   -18.459 0.57 39.05 ? 166 GLU A OE2 1 
ATOM   500 O OE2 B GLU A 1 63 ? 0.280   3.907   -20.440 0.43 34.62 ? 166 GLU A OE2 1 
ATOM   501 N N   . VAL A 1 64 ? 1.644   0.743   -16.175 1.00 36.69 ? 167 VAL A N   1 
ATOM   502 C CA  . VAL A 1 64 ? 3.133   0.456   -16.221 1.00 43.70 ? 167 VAL A CA  1 
ATOM   503 C C   . VAL A 1 64 ? 3.848   0.966   -17.521 1.00 52.16 ? 167 VAL A C   1 
ATOM   504 O O   . VAL A 1 64 ? 3.523   0.483   -18.607 1.00 55.95 ? 167 VAL A O   1 
ATOM   505 C CB  . VAL A 1 64 ? 3.492   -1.042  -16.012 1.00 45.42 ? 167 VAL A CB  1 
ATOM   506 N N   . THR A 1 65 ? 4.787   1.926   -17.410 1.00 53.92 ? 168 THR A N   1 
ATOM   507 C CA  . THR A 1 65 ? 5.491   2.523   -18.565 1.00 56.12 ? 168 THR A CA  1 
ATOM   508 C CA  . PRO B 2 2  ? -12.625 -3.034  -6.935  1.00 81.33 ? 77  PRO B CA  1 
ATOM   509 C C   . PRO B 2 2  ? -12.523 -1.647  -6.290  1.00 68.56 ? 77  PRO B C   1 
ATOM   510 O O   . PRO B 2 2  ? -11.411 -1.205  -5.944  1.00 66.49 ? 77  PRO B O   1 
ATOM   511 N N   . THR B 2 3  ? -13.687 -1.002  -6.130  1.00 62.07 ? 78  THR B N   1 
ATOM   512 C CA  . THR B 2 3  ? -13.828 0.359   -5.558  1.00 52.17 ? 78  THR B CA  1 
ATOM   513 C C   . THR B 2 3  ? -12.952 0.583   -4.307  1.00 49.60 ? 78  THR B C   1 
ATOM   514 O O   . THR B 2 3  ? -13.153 -0.072  -3.260  1.00 48.46 ? 78  THR B O   1 
ATOM   515 C CB  . THR B 2 3  ? -15.305 0.663   -5.197  1.00 51.60 ? 78  THR B CB  1 
ATOM   516 N N   . PRO B 2 4  ? -11.962 1.487   -4.401  1.00 40.96 ? 79  PRO B N   1 
ATOM   517 C CA  . PRO B 2 4  ? -11.252 1.752   -3.162  1.00 41.32 ? 79  PRO B CA  1 
ATOM   518 C C   . PRO B 2 4  ? -12.118 2.491   -2.109  1.00 34.02 ? 79  PRO B C   1 
ATOM   519 O O   . PRO B 2 4  ? -12.877 3.422   -2.410  1.00 30.84 ? 79  PRO B O   1 
ATOM   520 C CB  . PRO B 2 4  ? -10.001 2.557   -3.592  1.00 42.58 ? 79  PRO B CB  1 
ATOM   521 C CG  . PRO B 2 4  ? -10.286 3.043   -4.950  1.00 45.91 ? 79  PRO B CG  1 
ATOM   522 C CD  . PRO B 2 4  ? -11.306 2.113   -5.552  1.00 45.27 ? 79  PRO B CD  1 
ATOM   523 N N   . ARG B 2 5  ? -11.958 2.039   -0.869  1.00 31.05 ? 80  ARG B N   1 
ATOM   524 C CA  . ARG B 2 5  ? -12.672 2.626   0.252   1.00 29.84 ? 80  ARG B CA  1 
ATOM   525 C C   . ARG B 2 5  ? -11.680 2.621   1.340   1.00 23.84 ? 80  ARG B C   1 
ATOM   526 O O   . ARG B 2 5  ? -10.824 1.761   1.367   1.00 25.01 ? 80  ARG B O   1 
ATOM   527 C CB  . ARG B 2 5  ? -13.940 1.837   0.590   1.00 31.38 ? 80  ARG B CB  1 
ATOM   528 C CG  . ARG B 2 5  ? -15.061 2.172   -0.408  1.00 31.67 ? 80  ARG B CG  1 
ATOM   529 C CD  . ARG B 2 5  ? -16.337 1.411   -0.184  1.00 34.85 ? 80  ARG B CD  1 
ATOM   530 N NE  . ARG B 2 5  ? -17.249 2.133   0.693   1.00 29.48 ? 80  ARG B NE  1 
ATOM   531 C CZ  . ARG B 2 5  ? -18.463 1.709   1.009   1.00 25.57 ? 80  ARG B CZ  1 
ATOM   532 N NH1 . ARG B 2 5  ? -18.893 0.537   0.570   1.00 31.54 ? 80  ARG B NH1 1 
ATOM   533 N NH2 . ARG B 2 5  ? -19.234 2.404   1.839   1.00 27.89 ? 80  ARG B NH2 1 
ATOM   534 N N   . PRO B 2 6  ? -11.756 3.601   2.256   1.00 21.92 ? 81  PRO B N   1 
ATOM   535 C CA  . PRO B 2 6  ? -10.810 3.807   3.297   1.00 21.62 ? 81  PRO B CA  1 
ATOM   536 C C   . PRO B 2 6  ? -11.137 2.955   4.506   1.00 18.55 ? 81  PRO B C   1 
ATOM   537 O O   . PRO B 2 6  ? -11.113 3.422   5.636   1.00 19.64 ? 81  PRO B O   1 
ATOM   538 C CB  . PRO B 2 6  ? -10.946 5.319   3.633   1.00 23.18 ? 81  PRO B CB  1 
ATOM   539 C CG  . PRO B 2 6  ? -12.356 5.614   3.288   1.00 23.08 ? 81  PRO B CG  1 
ATOM   540 C CD  . PRO B 2 6  ? -12.678 4.750   2.129   1.00 24.60 ? 81  PRO B CD  1 
ATOM   541 N N   . VAL B 2 7  ? -11.180 1.649   4.221   1.00 18.31 ? 82  VAL B N   1 
ATOM   542 C CA  . VAL B 2 7  ? -11.315 0.593   5.261   1.00 16.05 ? 82  VAL B CA  1 
ATOM   543 C C   . VAL B 2 7  ? -10.326 -0.515  4.939   1.00 13.92 ? 82  VAL B C   1 
ATOM   544 O O   . VAL B 2 7  ? -10.471 -1.127  3.881   1.00 16.77 ? 82  VAL B O   1 
ATOM   545 C CB  . VAL B 2 7  ? -12.734 0.049   5.392   1.00 15.67 ? 82  VAL B CB  1 
ATOM   546 C CG1 . VAL B 2 7  ? -12.778 -1.009  6.435   1.00 16.12 ? 82  VAL B CG1 1 
ATOM   547 C CG2 . VAL B 2 7  ? -13.669 1.187   5.840   1.00 17.96 ? 82  VAL B CG2 1 
ATOM   548 N N   . PRO B 2 8  ? -9.374  -0.774  5.836   1.00 15.19 ? 83  PRO B N   1 
ATOM   549 C CA  . PRO B 2 8  ? -8.368  -1.798  5.552   1.00 15.59 ? 83  PRO B CA  1 
ATOM   550 C C   . PRO B 2 8  ? -8.876  -3.199  5.721   1.00 14.62 ? 83  PRO B C   1 
ATOM   551 O O   . PRO B 2 8  ? -9.756  -3.431  6.661   1.00 14.95 ? 83  PRO B O   1 
ATOM   552 C CB  . PRO B 2 8  ? -7.303  -1.509  6.548   1.00 17.75 ? 83  PRO B CB  1 
ATOM   553 C CG  . PRO B 2 8  ? -8.032  -0.995  7.745   1.00 18.99 ? 83  PRO B CG  1 
ATOM   554 C CD  . PRO B 2 8  ? -9.115  -0.168  7.146   1.00 15.40 ? 83  PRO B CD  1 
ATOM   555 N N   . MET B 2 9  ? -8.441  -4.146  4.883   0.74 11.13 ? 84  MET B N   1 
ATOM   556 C CA  . MET B 2 9  ? -8.796  -5.515  5.063   0.74 11.91 ? 84  MET B CA  1 
ATOM   557 C C   . MET B 2 9  ? -8.149  -6.063  6.273   0.74 11.09 ? 84  MET B C   1 
ATOM   558 O O   . MET B 2 9  ? -7.081  -5.657  6.730   0.74 11.78 ? 84  MET B O   1 
ATOM   559 C CB  . MET B 2 9  ? -8.525  -6.392  3.831   0.74 12.95 ? 84  MET B CB  1 
ATOM   560 C CG  . MET B 2 9  ? -9.321  -5.972  2.658   0.74 15.96 ? 84  MET B CG  1 
ATOM   561 S SD  . MET B 2 9  ? -9.296  -7.052  1.251   0.74 21.12 ? 84  MET B SD  1 
ATOM   562 C CE  . MET B 2 9  ? -9.756  -8.528  2.138   0.74 27.44 ? 84  MET B CE  1 
ATOM   563 N N   . LYS B 2 10 ? -8.836  -7.075  6.859   1.00 15.29 ? 85  LYS B N   1 
ATOM   564 C CA  . LYS B 2 10 ? -8.235  -7.904  7.844   1.00 16.35 ? 85  LYS B CA  1 
ATOM   565 C C   . LYS B 2 10 ? -6.880  -8.466  7.382   1.00 16.19 ? 85  LYS B C   1 
ATOM   566 O O   . LYS B 2 10 ? -6.769  -8.883  6.240   1.00 17.40 ? 85  LYS B O   1 
ATOM   567 C CB  . LYS B 2 10 ? -9.237  -9.044  8.155   1.00 21.08 ? 85  LYS B CB  1 
ATOM   568 C CG  . LYS B 2 10 ? -8.702  -9.938  9.240   1.00 25.13 ? 85  LYS B CG  1 
ATOM   569 C CD  . LYS B 2 10 ? -9.740  -10.976 9.662   1.00 31.39 ? 85  LYS B CD  1 
ATOM   570 C CE  . LYS B 2 10 ? -9.041  -11.872 10.665  1.00 40.45 ? 85  LYS B CE  1 
ATOM   571 N NZ  . LYS B 2 10 ? -10.042 -12.733 11.326  1.00 51.96 ? 85  LYS B NZ  1 
ATOM   572 N N   . ARG B 2 11 ? -5.926  -8.448  8.288   1.00 16.91 ? 86  ARG B N   1 
ATOM   573 C CA  . ARG B 2 11 ? -4.600  -9.038  8.075   1.00 17.97 ? 86  ARG B CA  1 
ATOM   574 C C   . ARG B 2 11 ? -4.470  -10.419 8.674   1.00 20.79 ? 86  ARG B C   1 
ATOM   575 O O   . ARG B 2 11 ? -4.946  -10.674 9.793   1.00 20.30 ? 86  ARG B O   1 
ATOM   576 C CB  . ARG B 2 11 ? -3.498  -8.200  8.658   1.00 18.02 ? 86  ARG B CB  1 
ATOM   577 C CG  . ARG B 2 11 ? -3.268  -6.951  7.807   1.00 18.25 ? 86  ARG B CG  1 
ATOM   578 C CD  . ARG B 2 11 ? -2.056  -6.133  8.250   1.00 19.06 ? 86  ARG B CD  1 
ATOM   579 N NE  . ARG B 2 11 ? -0.843  -6.867  8.053   1.00 19.43 ? 86  ARG B NE  1 
ATOM   580 C CZ  . ARG B 2 11 ? 0.328   -6.557  8.582   1.00 20.76 ? 86  ARG B CZ  1 
ATOM   581 N NH1 . ARG B 2 11 ? 0.479   -5.468  9.338   1.00 22.09 ? 86  ARG B NH1 1 
ATOM   582 N NH2 . ARG B 2 11 ? 1.316   -7.344  8.357   1.00 24.70 ? 86  ARG B NH2 1 
ATOM   583 N N   . HIS B 2 12 ? -3.759  -11.275 7.974   1.00 19.80 ? 87  HIS B N   1 
ATOM   584 C CA  . HIS B 2 12 ? -3.423  -12.633 8.465   1.00 22.99 ? 87  HIS B CA  1 
ATOM   585 C C   . HIS B 2 12 ? -1.912  -12.905 8.449   1.00 25.11 ? 87  HIS B C   1 
ATOM   586 O O   . HIS B 2 12 ? -1.455  -13.827 9.120   1.00 29.54 ? 87  HIS B O   1 
ATOM   587 C CB  . HIS B 2 12 ? -4.137  -13.696 7.657   1.00 24.06 ? 87  HIS B CB  1 
ATOM   588 C CG  . HIS B 2 12 ? -5.602  -13.477 7.484   1.00 27.01 ? 87  HIS B CG  1 
ATOM   589 N ND1 . HIS B 2 12 ? -6.122  -12.667 6.498   1.00 28.32 ? 87  HIS B ND1 1 
ATOM   590 C CD2 . HIS B 2 12 ? -6.667  -13.923 8.201   1.00 32.93 ? 87  HIS B CD2 1 
ATOM   591 C CE1 . HIS B 2 12 ? -7.441  -12.650 6.581   1.00 30.31 ? 87  HIS B CE1 1 
ATOM   592 N NE2 . HIS B 2 12 ? -7.799  -13.406 7.609   1.00 30.50 ? 87  HIS B NE2 1 
ATOM   593 N N   . ILE B 2 13 ? -1.139  -12.179 7.636   1.00 23.16 ? 88  ILE B N   1 
ATOM   594 C CA  . ILE B 2 13 ? 0.287   -12.392 7.443   1.00 23.85 ? 88  ILE B CA  1 
ATOM   595 C C   . ILE B 2 13 ? 1.119   -11.246 7.967   1.00 26.67 ? 88  ILE B C   1 
ATOM   596 O O   . ILE B 2 13 ? 1.011   -10.086 7.521   1.00 24.09 ? 88  ILE B O   1 
ATOM   597 C CB  . ILE B 2 13 ? 0.621   -12.688 5.925   1.00 24.74 ? 88  ILE B CB  1 
ATOM   598 C CG1 . ILE B 2 13 ? -0.157  -13.894 5.440   1.00 32.25 ? 88  ILE B CG1 1 
ATOM   599 C CG2 . ILE B 2 13 ? 2.087   -13.049 5.859   1.00 29.05 ? 88  ILE B CG2 1 
ATOM   600 C CD1 . ILE B 2 13 ? -0.057  -14.131 3.979   1.00 35.50 ? 88  ILE B CD1 1 
ATOM   601 N N   . PHE B 2 14 ? 1.987   -11.568 8.957   1.00 29.70 ? 89  PHE B N   1 
ATOM   602 C CA  . PHE B 2 14 ? 2.743   -10.563 9.723   1.00 34.39 ? 89  PHE B CA  1 
ATOM   603 C C   . PHE B 2 14 ? 4.292   -10.699 9.623   1.00 42.75 ? 89  PHE B C   1 
ATOM   604 O O   . PHE B 2 14 ? 4.800   -11.789 9.360   1.00 40.50 ? 89  PHE B O   1 
ATOM   605 C CB  . PHE B 2 14 ? 2.286   -10.614 11.188  1.00 35.17 ? 89  PHE B CB  1 
ATOM   606 C CG  . PHE B 2 14 ? 0.865   -10.172 11.372  1.00 27.17 ? 89  PHE B CG  1 
ATOM   607 C CD1 . PHE B 2 14 ? 0.561   -8.834  11.509  1.00 27.30 ? 89  PHE B CD1 1 
ATOM   608 C CD2 . PHE B 2 14 ? -0.164  -11.077 11.302  1.00 26.97 ? 89  PHE B CD2 1 
ATOM   609 C CE1 . PHE B 2 14 ? -0.764  -8.426  11.590  1.00 24.83 ? 89  PHE B CE1 1 
ATOM   610 C CE2 . PHE B 2 14 ? -1.479  -10.675 11.436  1.00 25.04 ? 89  PHE B CE2 1 
ATOM   611 C CZ  . PHE B 2 14 ? -1.763  -9.350  11.588  1.00 26.56 ? 89  PHE B CZ  1 
ATOM   612 N N   . ARG B 2 15 ? 5.013   -9.582  9.805   1.00 50.81 ? 90  ARG B N   1 
ATOM   613 C CA  . ARG B 2 15 ? 6.486   -9.598  9.814   1.00 53.74 ? 90  ARG B CA  1 
HETATM 614 O O   . HOH C 3 .  ? -8.367  -0.252  13.458  1.00 20.67 ? 201 HOH A O   1 
HETATM 615 O O   . HOH C 3 .  ? 2.230   5.174   -15.327 1.00 36.67 ? 202 HOH A O   1 
HETATM 616 O O   . HOH C 3 .  ? -2.781  13.067  3.579   1.00 31.51 ? 203 HOH A O   1 
HETATM 617 O O   . HOH C 3 .  ? 6.707   -8.838  0.406   1.00 27.94 ? 204 HOH A O   1 
HETATM 618 O O   . HOH C 3 .  ? 3.592   8.734   4.137   1.00 27.46 ? 205 HOH A O   1 
HETATM 619 O O   . HOH C 3 .  ? 14.684  5.488   -1.520  1.00 44.62 ? 206 HOH A O   1 
HETATM 620 O O   . HOH C 3 .  ? 11.007  11.419  0.099   1.00 38.86 ? 207 HOH A O   1 
HETATM 621 O O   . HOH C 3 .  ? 9.349   -12.004 -1.113  1.00 40.40 ? 208 HOH A O   1 
HETATM 622 O O   . HOH C 3 .  ? 6.592   -7.766  -14.049 1.00 36.42 ? 209 HOH A O   1 
HETATM 623 O O   . HOH C 3 .  ? 7.932   5.921   4.599   1.00 26.96 ? 210 HOH A O   1 
HETATM 624 O O   . HOH C 3 .  ? -3.290  -7.946  -6.689  1.00 35.45 ? 211 HOH A O   1 
HETATM 625 O O   . HOH C 3 .  ? 7.415   -8.159  -7.584  1.00 27.72 ? 212 HOH A O   1 
HETATM 626 O O   . HOH C 3 .  ? -8.499  7.473   5.680   1.00 34.45 ? 213 HOH A O   1 
HETATM 627 O O   . HOH C 3 .  ? 2.245   -14.224 1.138   1.00 27.12 ? 214 HOH A O   1 
HETATM 628 O O   . HOH C 3 .  ? -8.162  10.860  -3.100  1.00 45.13 ? 215 HOH A O   1 
HETATM 629 O O   . HOH C 3 .  ? 0.514   12.851  -6.050  1.00 29.24 ? 216 HOH A O   1 
HETATM 630 O O   . HOH C 3 .  ? 4.274   3.891   -13.016 1.00 27.50 ? 217 HOH A O   1 
HETATM 631 O O   . HOH C 3 .  ? 7.884   5.931   -5.329  1.00 36.54 ? 218 HOH A O   1 
HETATM 632 O O   . HOH C 3 .  ? 2.121   13.117  -0.649  1.00 29.26 ? 219 HOH A O   1 
HETATM 633 O O   . HOH C 3 .  ? 5.495   5.934   5.306   1.00 36.66 ? 220 HOH A O   1 
HETATM 634 O O   . HOH C 3 .  ? 9.390   7.593   -2.142  1.00 31.14 ? 221 HOH A O   1 
HETATM 635 O O   . HOH C 3 .  ? -3.788  -3.541  10.303  1.00 22.76 ? 222 HOH A O   1 
HETATM 636 O O   . HOH C 3 .  ? 5.283   11.741  -0.974  1.00 29.26 ? 223 HOH A O   1 
HETATM 637 O O   . HOH C 3 .  ? -5.309  -6.861  -3.006  1.00 18.48 ? 224 HOH A O   1 
HETATM 638 O O   . HOH C 3 .  ? 3.481   12.744  -3.873  1.00 22.92 ? 225 HOH A O   1 
HETATM 639 O O   . HOH C 3 .  ? 6.382   -5.453  -8.546  1.00 36.64 ? 226 HOH A O   1 
HETATM 640 O O   . HOH C 3 .  ? 7.393   8.675   -3.363  1.00 36.17 ? 227 HOH A O   1 
HETATM 641 O O   . HOH C 3 .  ? 9.152   -1.502  -3.688  1.00 17.91 ? 228 HOH A O   1 
HETATM 642 O O   . HOH C 3 .  ? 7.759   12.109  -0.059  1.00 29.73 ? 229 HOH A O   1 
HETATM 643 O O   . HOH C 3 .  ? -4.640  10.940  -4.521  1.00 30.26 ? 230 HOH A O   1 
HETATM 644 O O   . HOH C 3 .  ? 8.223   -10.250 -6.176  1.00 32.21 ? 231 HOH A O   1 
HETATM 645 O O   . HOH C 3 .  ? -13.183 -9.510  -1.417  1.00 29.94 ? 232 HOH A O   1 
HETATM 646 O O   . HOH C 3 .  ? 0.984   -0.386  -11.177 1.00 34.69 ? 233 HOH A O   1 
HETATM 647 O O   . HOH C 3 .  ? -6.050  -10.368 -4.566  1.00 41.13 ? 234 HOH A O   1 
HETATM 648 O O   . HOH C 3 .  ? -0.894  -1.236  -13.989 1.00 43.86 ? 235 HOH A O   1 
HETATM 649 O O   . HOH C 3 .  ? 8.318   -13.292 -4.314  1.00 30.49 ? 236 HOH A O   1 
HETATM 650 O O   . HOH C 3 .  ? 11.226  -8.163  -5.495  1.00 19.08 ? 237 HOH A O   1 
HETATM 651 O O   . HOH C 3 .  ? -4.303  12.342  -11.286 1.00 31.90 ? 238 HOH A O   1 
HETATM 652 O O   . HOH C 3 .  ? 11.677  4.735   -1.587  1.00 31.28 ? 239 HOH A O   1 
HETATM 653 O O   . HOH C 3 .  ? 10.778  0.724   -8.415  1.00 35.05 ? 240 HOH A O   1 
HETATM 654 O O   . HOH C 3 .  ? 8.519   6.366   -12.311 1.00 45.43 ? 241 HOH A O   1 
HETATM 655 O O   . HOH C 3 .  ? 10.524  -9.367  -1.767  1.00 30.55 ? 242 HOH A O   1 
HETATM 656 O O   . HOH C 3 .  ? -1.832  -14.936 1.650   1.00 44.04 ? 243 HOH A O   1 
HETATM 657 O O   . HOH C 3 .  ? 8.710   7.800   -9.140  1.00 39.59 ? 244 HOH A O   1 
HETATM 658 O O   . HOH C 3 .  ? 8.323   -1.224  -8.463  1.00 36.24 ? 245 HOH A O   1 
HETATM 659 O O   . HOH C 3 .  ? 3.832   10.880  6.093   1.00 40.79 ? 246 HOH A O   1 
HETATM 660 O O   . HOH C 3 .  ? -3.757  -14.929 3.839   1.00 47.73 ? 247 HOH A O   1 
HETATM 661 O O   . HOH C 3 .  ? -7.154  10.168  -8.230  1.00 51.10 ? 248 HOH A O   1 
HETATM 662 O O   . HOH C 3 .  ? -6.788  -3.419  2.576   1.00 17.64 ? 249 HOH A O   1 
HETATM 663 O O   . HOH C 3 .  ? -0.686  -8.727  5.809   1.00 20.19 ? 250 HOH A O   1 
HETATM 664 O O   . HOH C 3 .  ? -7.652  10.953  3.564   1.00 32.17 ? 251 HOH A O   1 
HETATM 665 O O   . HOH C 3 .  ? -6.609  -11.165 2.982   1.00 25.66 ? 252 HOH A O   1 
HETATM 666 O O   . HOH C 3 .  ? 2.855   1.452   -12.476 1.00 32.27 ? 253 HOH A O   1 
HETATM 667 O O   . HOH C 3 .  ? 5.965   4.754   7.079   1.00 27.49 ? 254 HOH A O   1 
HETATM 668 O O   . HOH C 3 .  ? -0.289  -0.749  -17.669 1.00 48.50 ? 255 HOH A O   1 
HETATM 669 O O   . HOH C 3 .  ? -8.689  11.588  0.820   1.00 49.50 ? 256 HOH A O   1 
HETATM 670 O O   . HOH C 3 .  ? 5.479   2.176   -14.519 1.00 43.79 ? 257 HOH A O   1 
HETATM 671 O O   . HOH C 3 .  ? -2.254  -0.678  -19.623 1.00 51.57 ? 258 HOH A O   1 
HETATM 672 O O   . HOH C 3 .  ? 4.815   1.699   11.021  1.00 40.27 ? 259 HOH A O   1 
HETATM 673 O O   . HOH D 3 .  ? -8.424  -10.119 4.640   1.00 31.55 ? 101 HOH B O   1 
HETATM 674 O O   . HOH D 3 .  ? -12.474 -1.072  -0.909  1.00 41.32 ? 102 HOH B O   1 
HETATM 675 O O   . HOH D 3 .  ? 1.741   -14.034 10.212  1.00 43.91 ? 103 HOH B O   1 
HETATM 676 O O   . HOH D 3 .  ? -6.302  -4.182  9.090   1.00 22.23 ? 104 HOH B O   1 
HETATM 677 O O   . HOH D 3 .  ? -12.031 5.847   6.916   1.00 38.40 ? 105 HOH B O   1 
HETATM 678 O O   . HOH D 3 .  ? -5.450  -12.898 11.612  1.00 43.39 ? 106 HOH B O   1 
HETATM 679 O O   . HOH D 3 .  ? -11.171 -13.316 7.202   1.00 48.90 ? 107 HOH B O   1 
HETATM 680 O O   . HOH D 3 .  ? -10.509 -3.023  -9.005  1.00 72.63 ? 108 HOH B O   1 
HETATM 681 O O   . HOH D 3 .  ? -12.797 -1.888  -10.322 1.00 66.77 ? 109 HOH B O   1 
# 
